data_7ARE
#
_entry.id   7ARE
#
_cell.length_a   1.00
_cell.length_b   1.00
_cell.length_c   1.00
_cell.angle_alpha   90.00
_cell.angle_beta   90.00
_cell.angle_gamma   90.00
#
_symmetry.space_group_name_H-M   'P 1'
#
loop_
_entity.id
_entity.type
_entity.pdbx_description
1 polymer 'SCAFFOLD STRAND'
2 polymer 'STAPLE STRAND'
3 polymer 'STAPLE STRAND'
4 polymer 'STAPLE STRAND'
5 polymer 'STAPLE STRAND'
6 polymer 'STAPLE STRAND'
7 polymer 'STAPLE STRAND'
8 polymer 'STAPLE STRAND'
9 polymer 'STAPLE STRAND'
10 polymer 'STAPLE STRAND'
11 polymer 'STAPLE STRAND'
12 polymer 'STAPLE STRAND'
13 polymer 'STAPLE STRAND'
14 polymer 'STAPLE STRAND'
15 polymer 'STAPLE STRAND'
16 polymer 'STAPLE STRAND'
17 polymer 'STAPLE STRAND'
18 polymer 'STAPLE STRAND'
19 polymer 'STAPLE STRAND'
20 polymer 'STAPLE STRAND'
21 polymer 'STAPLE STRAND'
22 polymer 'STAPLE STRAND'
23 polymer 'STAPLE STRAND'
24 polymer 'STAPLE STRAND'
25 polymer 'STAPLE STRAND'
26 polymer 'STAPLE STRAND'
27 polymer 'STAPLE STRAND'
28 polymer 'STAPLE STRAND'
29 polymer 'STAPLE STRAND'
30 polymer 'STAPLE STRAND'
31 polymer 'STAPLE STRAND'
32 polymer 'STAPLE STRAND'
33 polymer 'STAPLE STRAND'
34 polymer 'STAPLE STRAND'
35 polymer 'STAPLE STRAND'
36 polymer 'STAPLE STRAND'
37 polymer 'STAPLE STRAND'
38 polymer 'STAPLE STRAND'
39 polymer 'STAPLE STRAND'
40 polymer 'STAPLE STRAND'
41 polymer 'STAPLE STRAND'
42 polymer 'STAPLE STRAND'
43 polymer 'STAPLE STRAND'
44 polymer 'STAPLE STRAND'
45 polymer 'STAPLE STRAND'
46 polymer 'STAPLE STRAND'
47 polymer 'STAPLE STRAND'
48 polymer 'STAPLE STRAND'
49 polymer 'STAPLE STRAND'
50 polymer 'STAPLE STRAND'
51 polymer 'STAPLE STRAND'
52 polymer 'STAPLE STRAND'
53 polymer 'STAPLE STRAND'
54 polymer 'STAPLE STRAND'
55 polymer 'STAPLE STRAND'
56 polymer 'STAPLE STRAND'
57 polymer 'STAPLE STRAND'
58 polymer 'STAPLE STRAND'
59 polymer 'STAPLE STRAND'
60 polymer 'STAPLE STRAND'
61 polymer 'STAPLE STRAND'
62 polymer 'STAPLE STRAND'
63 polymer 'STAPLE STRAND'
64 polymer 'STAPLE STRAND'
65 polymer 'STAPLE STRAND'
66 polymer 'STAPLE STRAND'
67 polymer 'STAPLE STRAND'
68 polymer 'STAPLE STRAND'
69 polymer 'STAPLE STRAND'
70 polymer 'STAPLE STRAND'
71 polymer 'STAPLE STRAND'
72 polymer 'STAPLE STRAND'
73 polymer 'STAPLE STRAND'
74 polymer 'STAPLE STRAND'
75 polymer 'STAPLE STRAND'
76 polymer 'STAPLE STRAND'
77 polymer 'STAPLE STRAND'
78 polymer 'STAPLE STRAND'
79 polymer 'STAPLE STRAND'
80 polymer 'STAPLE STRAND'
81 polymer 'STAPLE STRAND'
82 polymer 'STAPLE STRAND'
83 polymer 'STAPLE STRAND'
84 polymer 'STAPLE STRAND'
85 polymer 'STAPLE STRAND'
86 polymer 'STAPLE STRAND'
87 polymer 'STAPLE STRAND'
88 polymer 'STAPLE STRAND'
89 polymer 'STAPLE STRAND'
90 polymer 'STAPLE STRAND'
91 polymer 'STAPLE STRAND'
92 polymer 'STAPLE STRAND'
93 polymer 'STAPLE STRAND'
94 polymer 'STAPLE STRAND'
95 polymer 'STAPLE STRAND'
96 polymer 'STAPLE STRAND'
97 polymer 'STAPLE STRAND'
98 polymer 'STAPLE STRAND'
99 polymer 'STAPLE STRAND'
100 polymer 'STAPLE STRAND'
101 polymer 'STAPLE STRAND'
102 polymer 'STAPLE STRAND'
103 polymer 'STAPLE STRAND'
104 polymer 'STAPLE STRAND'
105 polymer 'STAPLE STRAND'
106 polymer 'STAPLE STRAND'
107 polymer 'STAPLE STRAND'
108 polymer 'STAPLE STRAND'
109 polymer 'STAPLE STRAND'
110 polymer 'STAPLE STRAND'
111 polymer 'STAPLE STRAND'
112 polymer 'STAPLE STRAND'
113 polymer 'STAPLE STRAND'
114 polymer 'STAPLE STRAND'
115 polymer 'STAPLE STRAND'
116 polymer 'STAPLE STRAND'
117 polymer 'STAPLE STRAND'
118 polymer 'STAPLE STRAND'
119 polymer 'STAPLE STRAND'
120 polymer 'STAPLE STRAND'
121 polymer 'STAPLE STRAND'
122 polymer 'STAPLE STRAND'
123 polymer 'STAPLE STRAND'
124 polymer 'STAPLE STRAND'
125 polymer 'STAPLE STRAND'
126 polymer 'STAPLE STRAND'
127 polymer 'STAPLE STRAND'
128 polymer 'STAPLE STRAND'
129 polymer 'STAPLE STRAND'
130 polymer 'STAPLE STRAND'
131 polymer 'STAPLE STRAND'
132 polymer 'STAPLE STRAND'
133 polymer 'STAPLE STRAND'
134 polymer 'STAPLE STRAND'
135 polymer 'STAPLE STRAND'
136 polymer 'STAPLE STRAND'
137 polymer 'STAPLE STRAND'
138 polymer 'STAPLE STRAND'
139 polymer 'STAPLE STRAND'
140 polymer 'STAPLE STRAND'
141 polymer 'STAPLE STRAND'
142 polymer 'STAPLE STRAND'
143 polymer 'STAPLE STRAND'
144 polymer 'STAPLE STRAND'
145 polymer 'STAPLE STRAND'
146 polymer 'STAPLE STRAND'
147 polymer 'STAPLE STRAND'
148 polymer 'STAPLE STRAND'
149 polymer 'STAPLE STRAND'
150 polymer 'STAPLE STRAND'
151 polymer 'STAPLE STRAND'
152 polymer 'STAPLE STRAND'
153 polymer 'STAPLE STRAND'
154 polymer 'STAPLE STRAND'
155 polymer 'STAPLE STRAND'
156 polymer 'STAPLE STRAND'
157 polymer 'STAPLE STRAND'
158 polymer 'STAPLE STRAND'
159 polymer 'STAPLE STRAND'
160 polymer 'STAPLE STRAND'
161 polymer 'STAPLE STRAND'
162 polymer 'STAPLE STRAND'
163 polymer 'STAPLE STRAND'
164 polymer 'STAPLE STRAND'
165 polymer 'STAPLE STRAND'
166 polymer 'STAPLE STRAND'
167 polymer 'STAPLE STRAND'
168 polymer 'STAPLE STRAND'
169 polymer 'STAPLE STRAND'
170 polymer 'STAPLE STRAND'
171 polymer 'STAPLE STRAND'
172 polymer 'STAPLE STRAND'
173 polymer 'STAPLE STRAND'
174 polymer 'STAPLE STRAND'
175 polymer 'STAPLE STRAND'
176 polymer 'STAPLE STRAND'
177 polymer 'STAPLE STRAND'
178 polymer 'STAPLE STRAND'
179 polymer 'STAPLE STRAND'
180 polymer 'STAPLE STRAND'
181 polymer 'STAPLE STRAND'
182 polymer 'STAPLE STRAND'
183 polymer 'STAPLE STRAND'
184 polymer 'STAPLE STRAND'
185 polymer 'STAPLE STRAND'
186 polymer 'STAPLE STRAND'
187 polymer 'STAPLE STRAND'
188 polymer 'STAPLE STRAND'
189 polymer 'STAPLE STRAND'
190 polymer 'STAPLE STRAND'
191 polymer 'STAPLE STRAND'
192 polymer 'STAPLE STRAND'
193 polymer 'STAPLE STRAND'
194 polymer 'STAPLE STRAND'
195 polymer 'STAPLE STRAND'
196 polymer 'STAPLE STRAND'
197 polymer 'STAPLE STRAND'
198 polymer 'STAPLE STRAND'
199 polymer 'STAPLE STRAND'
200 polymer 'STAPLE STRAND'
201 polymer 'STAPLE STRAND'
202 polymer 'STAPLE STRAND'
203 polymer 'STAPLE STRAND'
#
loop_
_entity_poly.entity_id
_entity_poly.type
_entity_poly.pdbx_seq_one_letter_code
_entity_poly.pdbx_strand_id
1 'polydeoxyribonucleotide'
;(DA)(DA)(DT)(DG)(DC)(DT)(DA)(DC)(DT)(DA)(DC)(DT)(DA)(DT)(DT)(DA)(DG)(DT)(DA)(DG)
(DA)(DA)(DT)(DT)(DG)(DA)(DT)(DG)(DC)(DC)(DA)(DC)(DC)(DT)(DT)(DT)(DT)(DC)(DA)(DG)
(DC)(DT)(DC)(DG)(DC)(DG)(DC)(DC)(DC)(DC)(DA)(DA)(DA)(DT)(DG)(DA)(DA)(DA)(DA)(DT)
(DA)(DT)(DA)(DG)(DC)(DT)(DA)(DA)(DA)(DC)(DA)(DG)(DG)(DT)(DT)(DA)(DT)(DT)(DG)(DA)
(DC)(DC)(DA)(DT)(DT)(DT)(DG)(DC)(DG)(DA)(DA)(DA)(DT)(DG)(DT)(DA)(DT)(DC)(DT)(DA)
(DA)(DT)(DG)(DG)(DT)(DC)(DA)(DA)(DA)(DC)(DT)(DA)(DA)(DA)(DT)(DC)(DT)(DA)(DC)(DT)
(DC)(DG)(DT)(DT)(DC)(DG)(DC)(DA)(DG)(DA)(DA)(DT)(DT)(DG)(DG)(DG)(DA)(DA)(DT)(DC)
(DA)(DA)(DC)(DT)(DG)(DT)(DT)(DA)(DC)(DA)(DT)(DG)(DG)(DA)(DA)(DT)(DG)(DA)(DA)(DA)
(DC)(DT)(DT)(DC)(DC)(DA)(DG)(DA)(DC)(DA)(DC)(DC)(DG)(DT)(DA)(DC)(DT)(DT)(DT)(DA)
(DG)(DT)(DT)(DG)(DC)(DA)(DT)(DA)(DT)(DT)(DT)(DA)(DA)(DA)(DA)(DC)(DA)(DT)(DG)(DT)
(DT)(DG)(DA)(DG)(DC)(DT)(DA)(DC)(DA)(DG)(DC)(DA)(DC)(DC)(DA)(DG)(DA)(DT)(DT)(DC)
(DA)(DG)(DC)(DA)(DA)(DT)(DT)(DA)(DA)(DG)(DC)(DT)(DC)(DT)(DA)(DA)(DG)(DC)(DC)(DA)
(DT)(DC)(DC)(DG)(DC)(DA)(DA)(DA)(DA)(DA)(DT)(DG)(DA)(DC)(DC)(DT)(DC)(DT)(DT)(DA)
(DT)(DC)(DA)(DA)(DA)(DA)(DG)(DG)(DA)(DG)(DC)(DA)(DA)(DT)(DT)(DA)(DA)(DA)(DG)(DG)
(DT)(DA)(DC)(DT)(DC)(DT)(DC)(DT)(DA)(DA)(DT)(DC)(DC)(DT)(DG)(DA)(DC)(DC)(DT)(DG)
(DT)(DT)(DG)(DG)(DA)(DG)(DT)(DT)(DT)(DG)(DC)(DT)(DT)(DC)(DC)(DG)(DG)(DT)(DC)(DT)
(DG)(DG)(DT)(DT)(DC)(DG)(DC)(DT)(DT)(DT)(DG)(DA)(DA)(DG)(DC)(DT)(DC)(DG)(DA)(DA)
(DT)(DT)(DA)(DA)(DA)(DA)(DC)(DG)(DC)(DG)(DA)(DT)(DA)(DT)(DT)(DT)(DG)(DA)(DA)(DG)
(DT)(DC)(DT)(DT)(DT)(DC)(DG)(DG)(DG)(DC)(DT)(DT)(DC)(DC)(DT)(DC)(DT)(DT)(DA)(DA)
(DT)(DC)(DT)(DT)(DT)(DT)(DT)(DG)(DA)(DT)(DG)(DC)(DA)(DA)(DT)(DC)(DC)(DG)(DC)(DT)
(DT)(DT)(DG)(DC)(DT)(DT)(DC)(DT)(DG)(DA)(DC)(DT)(DA)(DT)(DA)(DA)(DT)(DA)(DG)(DT)
(DC)(DA)(DG)(DG)(DG)(DT)(DA)(DA)(DA)(DG)(DA)(DC)(DC)(DT)(DG)(DA)(DT)(DT)(DT)(DT)
(DT)(DG)(DA)(DT)(DT)(DT)(DA)(DT)(DG)(DG)(DT)(DC)(DA)(DT)(DT)(DC)(DT)(DC)(DG)(DT)
(DT)(DT)(DT)(DC)(DT)(DG)(DA)(DA)(DC)(DT)(DG)(DT)(DT)(DT)(DA)(DA)(DA)(DG)(DC)(DA)
(DT)(DT)(DT)(DG)(DA)(DG)(DG)(DG)(DG)(DG)(DA)(DT)(DT)(DC)(DA)(DA)(DT)(DG)(DA)(DA)
(DT)(DA)(DT)(DT)(DT)(DA)(DT)(DG)(DA)(DC)(DG)(DA)(DT)(DT)(DC)(DC)(DG)(DC)(DA)(DG)
(DT)(DA)(DT)(DT)(DG)(DG)(DA)(DC)(DG)(DC)(DT)(DA)(DT)(DC)(DC)(DA)(DG)(DT)(DC)(DT)
(DA)(DA)(DA)(DC)(DA)(DT)(DT)(DT)(DT)(DA)(DC)(DT)(DA)(DT)(DT)(DA)(DC)(DC)(DC)(DC)
(DC)(DT)(DC)(DT)(DG)(DG)(DC)(DA)(DA)(DA)(DA)(DC)(DT)(DT)(DC)(DT)(DT)(DT)(DT)(DG)
(DC)(DA)(DA)(DA)(DA)(DG)(DC)(DC)(DT)(DC)(DT)(DC)(DG)(DC)(DT)(DA)(DT)(DT)(DT)(DT)
(DG)(DG)(DT)(DT)(DT)(DT)(DT)(DA)(DT)(DC)(DG)(DT)(DC)(DG)(DT)(DC)(DT)(DG)(DG)(DT)
(DA)(DA)(DA)(DC)(DG)(DA)(DG)(DG)(DG)(DT)(DT)(DA)(DT)(DG)(DA)(DT)(DA)(DG)(DT)(DG)
(DT)(DT)(DG)(DC)(DT)(DC)(DT)(DT)(DA)(DC)(DT)(DA)(DT)(DG)(DC)(DC)(DT)(DC)(DG)(DT)
(DA)(DA)(DT)(DT)(DC)(DC)(DT)(DT)(DT)(DT)(DG)(DG)(DC)(DG)(DT)(DT)(DA)(DT)(DG)(DT)
(DA)(DT)(DC)(DT)(DG)(DC)(DA)(DT)(DT)(DA)(DG)(DT)(DT)(DG)(DA)(DA)(DT)(DG)(DT)(DG)
(DG)(DT)(DA)(DT)(DT)(DC)(DC)(DT)(DA)(DA)(DA)(DT)(DC)(DT)(DC)(DA)(DA)(DC)(DT)(DG)
(DA)(DT)(DG)(DA)(DA)(DT)(DC)(DT)(DT)(DT)(DC)(DT)(DA)(DC)(DC)(DT)(DG)(DT)(DA)(DA)
(DT)(DA)(DA)(DT)(DG)(DT)(DT)(DG)(DT)(DT)(DC)(DC)(DG)(DT)(DT)(DA)(DG)(DT)(DT)(DC)
(DG)(DT)(DT)(DT)(DT)(DA)(DT)(DT)(DA)(DA)(DC)(DG)(DT)(DA)(DG)(DA)(DT)(DT)(DT)(DT)
(DT)(DC)(DT)(DT)(DC)(DC)(DC)(DA)(DA)(DC)(DG)(DT)(DC)(DC)(DT)(DG)(DA)(DC)(DT)(DG)
(DG)(DT)(DA)(DT)(DA)(DA)(DT)(DG)(DA)(DG)(DC)(DC)(DA)(DG)(DT)(DT)(DC)(DT)(DT)(DA)
(DA)(DA)(DA)(DT)(DC)(DG)(DC)(DA)(DT)(DA)(DA)(DG)(DG)(DT)(DA)(DA)(DT)(DT)(DC)(DA)
(DC)(DA)(DA)(DT)(DG)(DA)(DT)(DT)(DA)(DA)(DA)(DG)(DT)(DT)(DG)(DA)(DA)(DA)(DT)(DT)
(DA)(DA)(DA)(DC)(DC)(DA)(DT)(DC)(DT)(DC)(DA)(DA)(DG)(DC)(DC)(DC)(DA)(DA)(DT)(DT)
(DT)(DA)(DC)(DT)(DA)(DC)(DT)(DC)(DG)(DT)(DT)(DC)(DT)(DG)(DG)(DT)(DG)(DT)(DT)(DC)
(DT)(DC)(DG)(DT)(DC)(DA)(DG)(DG)(DG)(DC)(DA)(DA)(DG)(DC)(DC)(DT)(DT)(DA)(DT)(DT)
(DC)(DA)(DC)(DT)(DG)(DA)(DA)(DT)(DG)(DA)(DG)(DC)(DA)(DG)(DC)(DT)(DT)(DT)(DG)(DT)
(DT)(DA)(DC)(DG)(DT)(DT)(DG)(DA)(DT)(DT)(DT)(DG)(DG)(DG)(DT)(DA)(DA)(DT)(DG)(DA)
(DA)(DT)(DA)(DT)(DC)(DC)(DG)(DG)(DT)(DT)(DC)(DT)(DT)(DG)(DT)(DC)(DA)(DA)(DG)(DA)
(DT)(DT)(DA)(DC)(DT)(DC)(DT)(DT)(DG)(DA)(DT)(DG)(DA)(DA)(DG)(DG)(DT)(DC)(DA)(DG)
(DC)(DC)(DA)(DG)(DC)(DC)(DT)(DA)(DT)(DG)(DC)(DG)(DC)(DC)(DT)(DG)(DG)(DT)(DC)(DT)
(DG)(DT)(DA)(DC)(DA)(DC)(DC)(DG)(DT)(DT)(DC)(DA)(DT)(DC)(DT)(DG)(DT)(DC)(DC)(DT)
(DC)(DT)(DT)(DT)(DC)(DA)(DA)(DA)(DG)(DT)(DT)(DG)(DG)(DT)(DC)(DA)(DG)(DT)(DT)(DC)
(DG)(DG)(DT)(DT)(DC)(DC)(DC)(DT)(DT)(DA)(DT)(DG)(DA)(DT)(DT)(DG)(DA)(DC)(DC)(DG)
(DT)(DC)(DT)(DG)(DC)(DG)(DC)(DC)(DT)(DC)(DG)(DT)(DT)(DC)(DC)(DG)(DG)(DC)(DT)(DA)
(DA)(DG)(DT)(DA)(DA)(DC)(DA)(DT)(DG)(DG)(DA)(DG)(DC)(DA)(DG)(DG)(DT)(DC)(DG)(DC)
(DG)(DG)(DA)(DT)(DT)(DT)(DC)(DG)(DA)(DC)(DA)(DC)(DA)(DA)(DT)(DT)(DT)(DA)(DT)(DC)
(DA)(DG)(DG)(DC)(DG)(DA)(DT)(DG)(DA)(DT)(DA)(DC)(DA)(DA)(DA)(DT)(DC)(DT)(DC)(DC)
(DG)(DT)(DT)(DG)(DT)(DA)(DC)(DT)(DT)(DT)(DG)(DT)(DT)(DT)(DC)(DG)(DC)(DG)(DC)(DT)
(DT)(DG)(DG)(DT)(DA)(DT)(DA)(DA)(DT)(DC)(DG)(DC)(DT)(DG)(DG)(DG)(DG)(DG)(DT)(DC)
(DA)(DA)(DA)(DG)(DA)(DT)(DG)(DA)(DG)(DT)(DG)(DT)(DT)(DT)(DT)(DA)(DG)(DT)(DG)(DT)
(DA)(DT)(DT)(DC)(DT)(DT)(DT)(DC)(DG)(DC)(DC)(DT)(DC)(DT)(DT)(DT)(DC)(DG)(DT)(DT)
(DT)(DT)(DA)(DG)(DG)(DT)(DT)(DG)(DG)(DT)(DG)(DC)(DC)(DT)(DT)(DC)(DG)(DT)(DA)(DG)
(DT)(DG)(DG)(DC)(DA)(DT)(DT)(DA)(DC)(DG)(DT)(DA)(DT)(DT)(DT)(DT)(DA)(DC)(DC)(DC)
(DG)(DT)(DT)(DT)(DA)(DA)(DT)(DG)(DG)(DA)(DA)(DA)(DC)(DT)(DT)(DC)(DC)(DT)(DC)(DA)
(DT)(DG)(DA)(DA)(DA)(DA)(DA)(DG)(DT)(DC)(DT)(DT)(DT)(DA)(DG)(DT)(DC)(DC)(DT)(DC)
(DA)(DA)(DA)(DG)(DC)(DC)(DT)(DC)(DT)(DG)(DT)(DA)(DG)(DC)(DC)(DG)(DT)(DT)(DG)(DC)
(DT)(DA)(DC)(DC)(DC)(DT)(DC)(DG)(DT)(DT)(DC)(DC)(DG)(DA)(DT)(DG)(DC)(DT)(DG)(DT)
(DC)(DT)(DT)(DT)(DC)(DG)(DC)(DT)(DG)(DC)(DT)(DG)(DA)(DG)(DG)(DG)(DT)(DG)(DA)(DC)
(DG)(DA)(DT)(DC)(DC)(DC)(DG)(DC)(DA)(DA)(DA)(DA)(DG)(DC)(DG)(DG)(DC)(DC)(DT)(DT)
(DT)(DA)(DA)(DC)(DT)(DC)(DC)(DC)(DT)(DG)(DC)(DA)(DA)(DG)(DC)(DC)(DT)(DC)(DA)(DG)
(DC)(DG)(DA)(DC)(DC)(DG)(DA)(DA)(DT)(DA)(DT)(DA)(DT)(DC)(DG)(DG)(DT)(DT)(DA)(DT)
(DG)(DC)(DG)(DT)(DG)(DG)(DG)(DC)(DG)(DA)(DT)(DG)(DG)(DT)(DT)(DG)(DT)(DT)(DG)(DT)
(DC)(DA)(DT)(DT)(DG)(DT)(DC)(DG)(DG)(DC)(DG)(DC)(DA)(DA)(DC)(DT)(DA)(DT)(DC)(DG)
(DG)(DT)(DA)(DT)(DC)(DA)(DA)(DG)(DC)(DT)(DG)(DT)(DT)(DT)(DA)(DA)(DG)(DA)(DA)(DA)
(DT)(DT)(DC)(DA)(DC)(DC)(DT)(DC)(DG)(DA)(DA)(DA)(DG)(DC)(DA)(DA)(DG)(DC)(DT)(DG)
(DA)(DT)(DA)(DA)(DA)(DC)(DC)(DG)(DA)(DT)(DA)(DC)(DA)(DA)(DT)(DT)(DA)(DA)(DA)(DG)
(DG)(DC)(DT)(DC)(DC)(DT)(DT)(DT)(DT)(DG)(DG)(DA)(DG)(DC)(DC)(DT)(DT)(DT)(DT)(DT)
(DT)(DT)(DT)(DT)(DG)(DG)(DA)(DG)(DA)(DT)(DT)(DT)(DT)(DC)(DA)(DA)(DC)(DG)(DT)(DG)
(DA)(DA)(DA)(DA)(DA)(DA)(DT)(DT)(DA)(DT)(DT)(DA)(DT)(DT)(DC)(DG)(DC)(DA)(DA)(DT)
(DT)(DC)(DC)(DT)(DT)(DT)(DA)(DG)(DT)(DT)(DG)(DT)(DT)(DC)(DC)(DT)(DT)(DT)(DC)(DT)
(DA)(DT)(DT)(DC)(DT)(DC)(DA)(DC)(DT)(DC)(DC)(DG)(DC)(DT)(DG)(DA)(DA)(DA)(DC)(DT)
(DG)(DT)(DT)(DG)(DA)(DA)(DA)(DG)(DT)(DT)(DG)(DT)(DT)(DT)(DA)(DG)(DC)(DA)(DA)(DA)
(DA)(DC)(DC)(DC)(DC)(DA)(DT)(DA)(DC)(DA)(DG)(DA)(DA)(DA)(DA)(DT)(DT)(DC)(DA)(DT)
(DT)(DT)(DA)(DC)(DT)(DA)(DA)(DC)(DG)(DT)(DC)(DT)(DG)(DG)(DA)(DA)(DA)(DG)(DA)(DC)
(DG)(DA)(DC)(DA)(DA)(DA)(DA)(DC)(DT)(DT)(DT)(DA)(DG)(DA)(DT)(DC)(DG)(DT)(DT)(DA)
(DC)(DG)(DC)(DT)(DA)(DA)(DC)(DT)(DA)(DT)(DG)(DA)(DG)(DG)(DG)(DT)(DT)(DG)(DT)(DC)
(DT)(DG)(DT)(DG)(DG)(DA)(DA)(DT)(DG)(DC)(DT)(DA)(DC)(DA)(DG)(DG)(DC)(DG)(DT)(DT)
(DG)(DT)(DA)(DG)(DT)(DT)(DT)(DG)(DT)(DA)(DC)(DT)(DG)(DG)(DT)(DG)(DA)(DC)(DG)(DA)
(DA)(DA)(DC)(DT)(DC)(DA)(DG)(DT)(DG)(DT)(DT)(DA)(DC)(DG)(DG)(DT)(DA)(DC)(DA)(DT)
(DG)(DG)(DG)(DT)(DT)(DC)(DC)(DT)(DA)(DT)(DT)(DG)(DG)(DG)(DC)(DT)(DT)(DG)(DC)(DT)
(DA)(DT)(DC)(DC)(DC)(DT)(DG)(DA)(DA)(DA)(DA)(DT)(DG)(DA)(DG)(DG)(DG)(DT)(DG)(DG)
(DT)(DG)(DG)(DC)(DT)(DC)(DT)(DG)(DA)(DG)(DG)(DG)(DT)(DG)(DG)(DC)(DG)(DG)(DT)(DT)
(DC)(DT)(DG)(DA)(DG)(DG)(DG)(DT)(DG)(DG)(DC)(DG)(DG)(DT)(DT)(DC)(DT)(DG)(DA)(DG)
(DG)(DG)(DT)(DG)(DG)(DC)(DG)(DG)(DT)(DA)(DC)(DT)(DA)(DA)(DA)(DC)(DC)(DT)(DC)(DC)
(DT)(DG)(DA)(DG)(DT)(DA)(DC)(DG)(DG)(DT)(DG)(DA)(DT)(DA)(DC)(DA)(DC)(DC)(DT)(DA)
(DT)(DT)(DC)(DC)(DG)(DG)(DG)(DC)(DT)(DA)(DT)(DA)(DC)(DT)(DT)(DA)(DT)(DA)(DT)(DC)
(DA)(DA)(DC)(DC)(DC)(DT)(DC)(DT)(DC)(DG)(DA)(DC)(DG)(DG)(DC)(DA)(DC)(DT)(DT)(DA)
(DT)(DC)(DC)(DG)(DC)(DC)(DT)(DG)(DG)(DT)(DA)(DC)(DT)(DG)(DA)(DG)(DC)(DA)(DA)(DA)
(DA)(DC)(DC)(DC)(DC)(DG)(DC)(DT)(DA)(DA)(DT)(DC)(DC)(DT)(DA)(DA)(DT)(DC)(DC)(DT)
(DT)(DC)(DT)(DC)(DT)(DT)(DG)(DA)(DG)(DG)(DA)(DG)(DT)(DC)(DT)(DC)(DA)(DG)(DC)(DC)
(DT)(DC)(DT)(DT)(DA)(DA)(DT)(DA)(DC)(DT)(DT)(DT)(DC)(DA)(DT)(DG)(DT)(DT)(DT)(DC)
(DA)(DG)(DA)(DA)(DT)(DA)(DA)(DT)(DA)(DG)(DG)(DT)(DT)(DC)(DC)(DG)(DA)(DA)(DA)(DT)
(DA)(DG)(DG)(DC)(DA)(DG)(DG)(DG)(DG)(DG)(DC)(DA)(DT)(DT)(DA)(DA)(DC)(DT)(DG)(DT)
(DT)(DT)(DA)(DT)(DA)(DC)(DG)(DG)(DG)(DC)(DA)(DC)(DT)(DG)(DT)(DT)(DA)(DC)(DT)(DC)
(DA)(DA)(DG)(DG)(DC)(DA)(DC)(DT)(DG)(DA)(DC)(DC)(DC)(DC)(DG)(DT)(DT)(DA)(DA)(DA)
(DA)(DC)(DT)(DT)(DA)(DT)(DT)(DA)(DC)(DC)(DA)(DG)(DT)(DA)(DC)(DA)(DC)(DT)(DC)(DC)
(DT)(DG)(DT)(DA)(DT)(DC)(DA)(DT)(DC)(DA)(DA)(DA)(DA)(DG)(DC)(DC)(DA)(DT)(DG)(DT)
(DA)(DT)(DG)(DA)(DC)(DG)(DC)(DT)(DT)(DA)(DC)(DT)(DG)(DG)(DA)(DA)(DC)(DG)(DG)(DT)
(DA)(DA)(DA)(DT)(DT)(DC)(DA)(DG)(DA)(DG)(DA)(DC)(DT)(DG)(DC)(DG)(DC)(DT)(DT)(DT)
(DC)(DC)(DA)(DT)(DT)(DC)(DT)(DG)(DG)(DC)(DT)(DT)(DT)(DA)(DA)(DT)(DG)(DA)(DA)(DG)
(DA)(DT)(DC)(DC)(DA)(DT)(DT)(DC)(DG)(DT)(DT)(DT)(DG)(DT)(DG)(DA)(DA)(DT)(DA)(DT)
(DC)(DA)(DA)(DG)(DG)(DC)(DC)(DA)(DA)(DT)(DC)(DG)(DT)(DC)(DT)(DG)(DA)(DC)(DC)(DT)
(DG)(DC)(DC)(DT)(DC)(DA)(DA)(DC)(DC)(DT)(DC)(DC)(DT)(DG)(DT)(DC)(DA)(DA)(DT)(DG)
(DC)(DT)(DG)(DG)(DC)(DG)(DG)(DC)(DG)(DG)(DC)(DT)(DC)(DT)(DG)(DG)(DT)(DG)(DG)(DT)
(DG)(DG)(DT)(DT)(DC)(DT)(DG)(DG)(DT)(DG)(DG)(DC)(DG)(DG)(DC)(DT)(DC)(DT)(DG)(DA)
(DG)(DG)(DG)(DT)(DG)(DG)(DT)(DG)(DG)(DC)(DT)(DC)(DT)(DG)(DA)(DG)(DG)(DG)(DT)(DG)
(DG)(DC)(DG)(DG)(DT)(DT)(DC)(DT)(DG)(DA)(DG)(DG)(DG)(DT)(DG)(DG)(DC)(DG)(DG)(DC)
(DT)(DC)(DT)(DG)(DA)(DG)(DG)(DG)(DA)(DG)(DG)(DC)(DG)(DG)(DT)(DT)(DC)(DC)(DG)(DG)
(DT)(DG)(DG)(DT)(DG)(DG)(DC)(DT)(DC)(DT)(DG)(DG)(DT)(DT)(DC)(DC)(DG)(DG)(DT)(DG)
(DA)(DT)(DT)(DT)(DT)(DG)(DA)(DT)(DT)(DA)(DT)(DG)(DA)(DA)(DA)(DA)(DG)(DA)(DT)(DG)
(DG)(DC)(DA)(DA)(DA)(DC)(DG)(DC)(DT)(DA)(DA)(DT)(DA)(DA)(DG)(DG)(DG)(DG)(DG)(DC)
(DT)(DA)(DT)(DG)(DA)(DC)(DC)(DG)(DA)(DA)(DA)(DA)(DT)(DG)(DC)(DC)(DG)(DA)(DT)(DG)
(DA)(DA)(DA)(DA)(DC)(DG)(DC)(DG)(DC)(DT)(DA)(DC)(DA)(DG)(DT)(DC)(DT)(DG)(DA)(DC)
(DG)(DC)(DT)(DA)(DA)(DA)(DG)(DG)(DC)(DA)(DA)(DA)(DC)(DT)(DT)(DG)(DA)(DT)(DT)(DC)
(DT)(DG)(DT)(DC)(DG)(DC)(DT)(DA)(DC)(DT)(DG)(DA)(DT)(DT)(DA)(DC)(DG)(DG)(DT)(DG)
(DC)(DT)(DG)(DC)(DT)(DA)(DT)(DC)(DG)(DA)(DT)(DG)(DG)(DT)(DT)(DT)(DC)(DA)(DT)(DT)
(DG)(DG)(DT)(DG)(DA)(DC)(DG)(DT)(DT)(DT)(DC)(DC)(DG)(DG)(DC)(DC)(DT)(DT)(DG)(DC)
(DT)(DA)(DA)(DT)(DG)(DG)(DT)(DA)(DA)(DT)(DG)(DG)(DT)(DG)(DC)(DT)(DA)(DC)(DT)(DG)
(DG)(DT)(DG)(DA)(DT)(DT)(DT)(DT)(DG)(DC)(DT)(DG)(DG)(DC)(DT)(DC)(DT)(DA)(DA)(DT)
(DT)(DC)(DC)(DC)(DA)(DA)(DA)(DT)(DG)(DG)(DC)(DT)(DC)(DA)(DA)(DG)(DT)(DC)(DG)(DG)
(DT)(DG)(DA)(DC)(DG)(DG)(DT)(DG)(DA)(DT)(DA)(DA)(DT)(DT)(DC)(DA)(DC)(DC)(DT)(DT)
(DT)(DA)(DA)(DT)(DG)(DA)(DA)(DT)(DA)(DA)(DT)(DT)(DT)(DC)(DC)(DG)(DT)(DC)(DA)(DA)
(DT)(DA)(DT)(DT)(DT)(DA)(DC)(DC)(DT)(DT)(DC)(DC)(DC)(DT)(DC)(DC)(DC)(DT)(DC)(DA)
(DA)(DT)(DC)(DG)(DG)(DT)(DT)(DG)(DA)(DA)(DT)(DG)(DT)(DC)(DG)(DC)(DC)(DC)(DT)(DT)
(DT)(DT)(DG)(DT)(DC)(DT)(DT)(DT)(DA)(DG)(DC)(DG)(DC)(DT)(DG)(DG)(DT)(DA)(DA)(DA)
(DC)(DC)(DA)(DT)(DA)(DT)(DG)(DA)(DA)(DT)(DT)(DT)(DT)(DC)(DT)(DA)(DT)(DT)(DG)(DA)
(DT)(DT)(DG)(DT)(DG)(DA)(DC)(DA)(DA)(DA)(DA)(DT)(DA)(DA)(DA)(DC)(DT)(DT)(DA)(DT)
(DT)(DC)(DC)(DG)(DT)(DG)(DG)(DT)(DG)(DT)(DC)(DT)(DT)(DT)(DG)(DC)(DG)(DT)(DT)(DT)
(DC)(DT)(DT)(DT)(DT)(DA)(DT)(DA)(DT)(DG)(DT)(DT)(DG)(DC)(DC)(DA)(DC)(DC)(DT)(DT)
(DT)(DA)(DT)(DG)(DT)(DA)(DT)(DG)(DT)(DA)(DT)(DT)(DT)(DT)(DC)(DT)(DA)(DC)(DG)(DT)
(DT)(DT)(DG)(DC)(DT)(DA)(DA)(DC)(DA)(DT)(DA)(DC)(DT)(DG)(DC)(DG)(DT)(DA)(DA)(DT)
(DA)(DA)(DG)(DG)(DA)(DG)(DT)(DC)(DT)(DT)(DA)(DA)(DT)(DC)(DA)(DT)(DG)(DC)(DC)(DA)
(DG)(DT)(DT)(DC)(DT)(DT)(DT)(DT)(DG)(DG)(DG)(DT)(DA)(DT)(DT)(DC)(DC)(DG)(DT)(DT)
(DA)(DT)(DT)(DA)(DT)(DT)(DG)(DC)(DG)(DT)(DT)(DT)(DC)(DC)(DT)(DC)(DG)(DG)(DT)(DT)
(DT)(DC)(DC)(DT)(DT)(DC)(DT)(DG)(DG)(DT)(DA)(DA)(DC)(DT)(DT)(DT)(DG)(DT)(DT)(DC)
(DG)(DG)(DC)(DT)(DA)(DT)(DC)(DT)(DG)(DC)(DT)(DT)(DA)(DC)(DT)(DT)(DT)(DT)(DC)(DT)
(DT)(DA)(DA)(DA)(DA)(DA)(DG)(DG)(DG)(DC)(DT)(DT)(DC)(DG)(DG)(DT)(DA)(DA)(DG)(DA)
(DT)(DA)(DG)(DC)(DT)(DA)(DT)(DT)(DG)(DC)(DT)(DA)(DT)(DT)(DT)(DC)(DA)(DT)(DT)(DG)
(DT)(DT)(DT)(DC)(DT)(DT)(DG)(DC)(DT)(DC)(DT)(DT)(DA)(DT)(DT)(DA)(DT)(DT)(DG)(DG)
(DG)(DC)(DT)(DT)(DA)(DA)(DC)(DT)(DC)(DA)(DA)(DT)(DT)(DC)(DT)(DT)(DG)(DT)(DG)(DG)
(DG)(DT)(DT)(DA)(DT)(DC)(DT)(DC)(DT)(DC)(DT)(DG)(DA)(DT)(DA)(DT)(DT)(DA)(DG)(DC)
(DG)(DC)(DT)(DC)(DA)(DA)(DT)(DT)(DA)(DC)(DC)(DC)(DT)(DC)(DT)(DG)(DA)(DC)(DT)(DT)
(DT)(DG)(DT)(DT)(DC)(DA)(DG)(DG)(DG)(DT)(DG)(DT)(DT)(DC)(DA)(DG)(DT)(DT)(DA)(DA)
(DT)(DT)(DC)(DT)(DC)(DC)(DC)(DG)(DT)(DC)(DT)(DA)(DA)(DT)(DG)(DC)(DG)(DC)(DT)(DT)
(DC)(DC)(DC)(DT)(DG)(DT)(DT)(DT)(DT)(DT)(DA)(DT)(DG)(DT)(DT)(DA)(DT)(DT)(DC)(DT)
(DC)(DT)(DC)(DT)(DG)(DT)(DA)(DA)(DA)(DG)(DG)(DC)(DT)(DG)(DC)(DT)(DA)(DT)(DT)(DT)
(DT)(DC)(DA)(DT)(DT)(DT)(DT)(DT)(DG)(DA)(DC)(DG)(DT)(DT)(DA)(DA)(DA)(DC)(DA)(DA)
(DA)(DA)(DA)(DA)(DT)(DC)(DG)(DT)(DT)(DT)(DC)(DT)(DT)(DA)(DT)(DT)(DT)(DG)(DG)(DA)
(DT)(DT)(DG)(DG)(DG)(DA)(DT)(DA)(DA)(DA)(DT)(DA)(DA)(DT)(DA)(DT)(DG)(DG)(DC)(DT)
(DG)(DT)(DT)(DT)(DA)(DT)(DT)(DT)(DT)(DG)(DT)(DA)(DA)(DC)(DT)(DG)(DG)(DC)(DA)(DA)
(DA)(DT)(DT)(DA)(DG)(DG)(DC)(DT)(DC)(DT)(DG)(DG)(DA)(DA)(DA)(DG)(DA)(DC)(DG)(DC)
(DT)(DC)(DG)(DT)(DT)(DA)(DG)(DC)(DG)(DT)(DT)(DG)(DG)(DT)(DA)(DA)(DG)(DA)(DT)(DT)
(DC)(DA)(DG)(DG)(DA)(DT)(DA)(DA)(DA)(DA)(DT)(DT)(DG)(DT)(DA)(DG)(DC)(DT)(DG)(DG)
(DG)(DT)(DG)(DC)(DA)(DA)(DA)(DA)(DT)(DA)(DG)(DC)(DA)(DA)(DC)(DT)(DA)(DA)(DT)(DC)
(DT)(DT)(DG)(DA)(DT)(DT)(DT)(DA)(DA)(DG)(DG)(DC)(DT)(DT)(DC)(DA)(DA)(DA)(DA)(DC)
(DC)(DT)(DC)(DC)(DC)(DG)(DC)(DA)(DA)(DG)(DT)(DC)(DG)(DG)(DG)(DA)(DG)(DG)(DT)(DT)
(DC)(DG)(DC)(DT)(DA)(DA)(DA)(DA)(DC)(DG)(DC)(DC)(DT)(DC)(DG)(DC)(DG)(DT)(DT)(DC)
(DT)(DT)(DA)(DG)(DA)(DA)(DT)(DA)(DC)(DC)(DG)(DG)(DA)(DT)(DA)(DA)(DG)(DC)(DC)(DT)
(DT)(DC)(DT)(DA)(DT)(DA)(DT)(DC)(DT)(DG)(DA)(DT)(DT)(DT)(DG)(DC)(DT)(DT)(DG)(DC)
(DT)(DA)(DT)(DT)(DG)(DG)(DG)(DC)(DG)(DC)(DG)(DG)(DT)(DA)(DA)(DT)(DG)(DA)(DT)(DT)
(DC)(DC)(DT)(DA)(DC)(DG)(DA)(DT)(DG)(DA)(DA)(DA)(DA)(DT)(DA)(DA)(DA)(DA)(DA)(DC)
(DG)(DG)(DC)(DT)(DT)(DG)(DC)(DT)(DT)(DG)(DT)(DT)(DC)(DT)(DC)(DG)(DA)(DT)(DG)(DA)
(DG)(DT)(DG)(DC)(DG)(DG)(DT)(DA)(DC)(DT)(DT)(DG)(DG)(DT)(DT)(DT)(DA)(DA)(DT)(DA)
(DC)(DC)(DC)(DG)(DT)(DT)(DC)(DT)(DT)(DG)(DG)(DA)(DA)(DT)(DG)(DA)(DT)(DA)(DA)(DG)
(DG)(DA)(DA)(DA)(DG)(DA)(DC)(DA)(DG)(DC)(DC)(DG)(DA)(DT)(DT)(DA)(DT)(DT)(DG)(DA)
(DT)(DT)(DG)(DG)(DT)(DT)(DT)(DC)(DT)(DA)(DC)(DA)(DT)(DG)(DC)(DT)(DC)(DG)(DT)(DA)
(DA)(DA)(DT)(DT)(DA)(DG)(DG)(DA)(DT)(DG)(DG)(DG)(DA)(DT)(DA)(DT)(DT)(DA)(DT)(DT)
(DT)(DT)(DT)(DC)(DT)(DT)(DG)(DT)(DT)(DC)(DA)(DG)(DG)(DA)(DC)(DT)(DT)(DA)(DT)(DC)
(DT)(DA)(DT)(DT)(DG)(DT)(DT)(DG)(DA)(DT)(DA)(DA)(DA)(DC)(DA)(DG)(DG)(DC)(DG)(DC)
(DG)(DT)(DT)(DC)(DT)(DG)(DC)(DA)(DT)(DT)(DA)(DG)(DC)(DT)(DG)(DA)(DA)(DC)(DA)(DT)
(DG)(DT)(DT)(DG)(DT)(DT)(DT)(DA)(DT)(DT)(DG)(DT)(DC)(DG)(DT)(DC)(DG)(DT)(DC)(DT)
(DG)(DG)(DA)(DC)(DA)(DG)(DA)(DA)(DT)(DT)(DA)(DC)(DT)(DT)(DT)(DA)(DC)(DC)(DT)(DT)
(DT)(DT)(DG)(DT)(DC)(DG)(DG)(DT)(DA)(DC)(DT)(DT)(DT)(DA)(DT)(DA)(DT)(DT)(DC)(DT)
(DC)(DT)(DT)(DA)(DT)(DT)(DA)(DC)(DT)(DG)(DG)(DC)(DT)(DC)(DG)(DA)(DA)(DA)(DA)(DT)
(DG)(DC)(DC)(DT)(DC)(DT)(DG)(DC)(DC)(DT)(DA)(DA)(DA)(DT)(DT)(DA)(DC)(DA)(DT)(DG)
(DT)(DT)(DG)(DG)(DC)(DG)(DT)(DT)(DG)(DT)(DT)(DA)(DA)(DA)(DT)(DA)(DT)(DG)(DG)(DC)
(DG)(DA)(DT)(DT)(DC)(DT)(DC)(DA)(DA)(DT)(DT)(DA)(DA)(DG)(DC)(DC)(DC)(DT)(DA)(DC)
(DT)(DG)(DT)(DT)(DG)(DA)(DG)(DC)(DG)(DT)(DT)(DG)(DG)(DC)(DT)(DT)(DT)(DA)(DT)(DA)
(DC)(DT)(DG)(DG)(DT)(DA)(DA)(DG)(DA)(DA)(DT)(DT)(DT)(DG)(DT)(DA)(DT)(DA)(DA)(DC)
(DG)(DC)(DA)(DT)(DA)(DT)(DG)(DA)(DT)(DA)(DC)(DT)(DA)(DA)(DA)(DC)(DA)(DG)(DG)(DC)
(DT)(DT)(DT)(DT)(DT)(DC)(DT)(DA)(DG)(DT)(DA)(DA)(DT)(DT)(DA)(DT)(DG)(DA)(DT)(DT)
(DC)(DC)(DG)(DG)(DT)(DG)(DT)(DT)(DT)(DA)(DT)(DT)(DC)(DT)(DT)(DA)(DT)(DT)(DT)(DA)
(DA)(DC)(DG)(DC)(DC)(DT)(DT)(DA)(DT)(DT)(DT)(DA)(DT)(DC)(DA)(DC)(DA)(DC)(DG)(DG)
(DT)(DC)(DG)(DG)(DT)(DA)(DT)(DT)(DT)(DC)(DA)(DA)(DA)(DC)(DC)(DA)(DT)(DT)(DA)(DA)
(DA)(DT)(DT)(DT)(DA)(DG)(DG)(DT)(DC)(DA)(DG)(DA)(DA)(DG)(DA)(DT)(DG)(DA)(DA)(DA)
(DT)(DT)(DA)(DA)(DC)(DT)(DA)(DA)(DA)(DA)(DT)(DA)(DT)(DA)(DT)(DT)(DT)(DG)(DA)(DA)
(DA)(DA)(DA)(DG)(DT)(DT)(DT)(DT)(DC)(DT)(DC)(DG)(DC)(DG)(DT)(DT)(DC)(DT)(DT)(DT)
(DG)(DT)(DC)(DT)(DT)(DG)(DC)(DG)(DA)(DT)(DT)(DG)(DG)(DA)(DT)(DT)(DT)(DG)(DC)(DA)
(DT)(DC)(DA)(DG)(DC)(DA)(DT)(DT)(DT)(DA)(DC)(DA)(DT)(DA)(DT)(DA)(DG)(DT)(DT)(DA)
(DT)(DA)(DT)(DA)(DA)(DC)(DC)(DC)(DA)(DA)(DC)(DC)(DT)(DA)(DA)(DG)(DC)(DC)(DG)(DG)
(DA)(DG)(DG)(DT)(DT)(DA)(DA)(DA)(DA)(DA)(DG)(DG)(DT)(DA)(DG)(DT)(DC)(DT)(DC)(DT)
(DC)(DA)(DG)(DA)(DC)(DC)(DT)(DA)(DT)(DG)(DA)(DT)(DT)(DT)(DT)(DG)(DA)(DT)(DA)(DA)
(DA)(DT)(DT)(DC)(DA)(DC)(DT)(DA)(DT)(DT)(DG)(DA)(DC)(DT)(DC)(DT)(DT)(DC)(DT)(DC)
(DA)(DG)(DC)(DG)(DT)(DC)(DT)(DT)(DA)(DA)(DT)(DC)(DT)(DA)(DA)(DG)(DC)(DT)(DA)(DT)
(DC)(DG)(DC)(DT)(DA)(DT)(DG)(DT)(DT)(DT)(DT)(DC)(DA)(DA)(DG)(DG)(DA)(DT)(DT)(DC)
(DT)(DA)(DA)(DG)(DG)(DG)(DA)(DA)(DA)(DA)(DT)(DT)(DA)(DA)(DT)(DT)(DA)(DA)(DT)(DA)
(DG)(DC)(DG)(DA)(DC)(DG)(DA)(DT)(DT)(DT)(DA)(DC)(DA)(DG)(DA)(DA)(DG)(DC)(DA)(DA)
(DG)(DG)(DT)(DT)(DA)(DT)(DT)(DC)(DA)(DC)(DT)(DC)(DA)(DC)(DA)(DT)(DA)(DT)(DA)(DT)
(DT)(DG)(DA)(DT)(DT)(DT)(DA)(DT)(DG)(DT)(DA)(DC)(DT)(DG)(DT)(DT)(DT)(DC)(DC)(DA)
(DT)(DT)(DA)(DA)(DA)(DA)(DA)(DA)(DG)(DG)(DT)(DA)(DA)(DT)(DT)(DC)(DA)(DA)(DA)(DT)
(DG)(DA)(DA)(DA)(DT)(DT)(DG)(DT)(DT)(DA)(DA)(DA)(DT)(DG)(DT)(DA)(DA)(DT)(DT)(DA)
(DA)(DT)(DT)(DT)(DT)(DG)(DT)(DT)(DT)(DT)(DC)(DT)(DT)(DG)(DA)(DT)(DG)(DT)(DT)(DT)
(DG)(DT)(DT)(DT)(DC)(DA)(DT)(DC)(DA)(DT)(DC)(DT)(DT)(DC)(DT)(DT)(DT)(DT)(DG)(DC)
(DT)(DC)(DA)(DG)(DG)(DT)(DA)(DA)(DT)(DT)(DG)(DA)(DA)(DA)(DT)(DG)(DA)(DA)(DT)(DA)
(DA)(DT)(DT)(DC)(DG)(DC)(DC)(DT)(DC)(DT)(DG)(DC)(DG)(DC)(DG)(DA)(DT)(DT)(DT)(DT)
(DG)(DT)(DA)(DA)(DC)(DT)(DT)(DG)(DG)(DT)(DA)(DT)(DT)(DC)(DA)(DA)(DA)(DG)(DC)(DA)
(DA)(DT)(DC)(DA)(DG)(DG)(DC)(DG)(DA)(DA)(DT)(DC)(DC)(DG)(DT)(DT)(DA)(DT)(DT)(DG)
(DT)(DT)(DT)(DC)(DT)(DC)(DC)(DC)(DG)(DA)(DT)(DG)(DT)(DA)(DA)(DA)(DA)(DG)(DG)(DT)
(DA)(DC)(DT)(DG)(DT)(DT)(DA)(DC)(DT)(DG)(DT)(DA)(DT)(DA)(DT)(DT)(DC)(DA)(DT)(DC)
(DT)(DG)(DA)(DC)(DG)(DT)(DT)(DA)(DA)(DA)(DC)(DC)(DT)(DG)(DA)(DA)(DA)(DA)(DT)(DC)
(DT)(DA)(DC)(DG)(DC)(DA)(DA)(DT)(DT)(DT)(DC)(DT)(DT)(DT)(DA)(DT)(DT)(DT)(DC)(DT)
(DG)(DT)(DT)(DT)(DT)(DA)(DC)(DG)(DT)(DG)(DC)(DT)(DA)(DA)(DT)(DA)(DA)(DT)(DT)(DT)
(DT)(DG)(DA)(DT)(DA)(DT)(DG)(DG)(DT)(DT)(DG)(DG)(DT)(DT)(DC)(DA)(DA)(DT)(DT)(DC)
(DC)(DT)(DT)(DC)(DC)(DA)(DT)(DA)(DA)(DT)(DT)(DC)(DA)(DG)(DA)(DA)(DG)(DT)(DA)(DT)
(DA)(DA)(DT)(DC)(DC)(DA)(DA)(DA)(DC)(DA)(DA)(DT)(DC)(DA)(DG)(DG)(DA)(DT)(DT)(DA)
(DT)(DA)(DT)(DT)(DG)(DA)(DT)(DG)(DA)(DA)(DT)(DT)(DG)(DC)(DC)(DA)(DT)(DC)(DA)(DT)
(DC)(DT)(DG)(DA)(DT)(DA)(DA)(DT)(DC)(DA)(DG)(DG)(DA)(DA)(DT)(DA)(DT)(DG)(DA)(DT)
(DG)(DA)(DT)(DA)(DA)(DT)(DT)(DC)(DC)(DG)(DC)(DT)(DC)(DC)(DT)(DT)(DC)(DT)(DG)(DG)
(DT)(DG)(DG)(DT)(DT)(DT)(DC)(DT)(DT)(DT)(DG)(DT)(DT)(DC)(DC)(DG)(DC)(DA)(DA)(DA)
(DA)(DT)(DG)(DA)(DT)(DA)(DA)(DT)(DG)(DT)(DT)(DA)(DC)(DT)(DC)(DA)(DA)(DA)(DC)(DT)
(DT)(DT)(DT)(DA)(DA)(DA)(DA)(DT)(DT)(DA)(DA)(DT)(DA)(DA)(DC)(DG)(DT)(DT)(DC)(DG)
(DG)(DG)(DC)(DA)(DA)(DA)(DG)(DG)(DA)(DT)(DT)(DT)(DA)(DA)(DT)(DA)(DC)(DG)(DA)(DG)
(DT)(DT)(DG)(DT)(DC)(DG)(DA)(DA)(DT)(DT)(DG)(DT)(DT)(DT)(DG)(DT)(DA)(DA)(DA)(DG)
(DT)(DC)(DT)(DA)(DA)(DT)(DA)(DC)(DT)(DT)(DC)(DT)(DA)(DA)(DA)(DT)(DC)(DC)(DT)(DC)
(DA)(DA)(DA)(DT)(DG)(DT)(DA)(DT)(DT)(DA)(DT)(DC)(DT)(DA)(DT)(DT)(DG)(DA)(DC)(DG)
(DG)(DC)(DT)(DC)(DT)(DA)(DA)(DT)(DC)(DT)(DA)(DT)(DT)(DA)(DG)(DT)(DT)(DG)(DT)(DT)
(DA)(DG)(DT)(DG)(DC)(DA)(DC)(DC)(DT)(DA)(DA)(DA)(DG)(DA)(DT)(DA)(DT)(DT)(DT)(DT)
(DA)(DG)(DA)(DT)(DA)(DA)(DC)(DC)(DT)(DT)(DC)(DC)(DT)(DC)(DA)(DA)(DT)(DT)(DC)(DC)
(DT)(DT)(DT)(DC)(DT)(DA)(DC)(DT)(DG)(DT)(DT)(DG)(DA)(DT)(DT)(DT)(DG)(DC)(DC)(DA)
(DA)(DC)(DT)(DG)(DA)(DC)(DC)(DA)(DG)(DA)(DT)(DA)(DT)(DT)(DG)(DA)(DT)(DT)(DG)(DA)
(DG)(DG)(DG)(DT)(DT)(DT)(DG)(DA)(DT)(DA)(DT)(DT)(DT)(DG)(DA)(DG)(DG)(DT)(DT)(DC)
(DA)(DG)(DC)(DA)(DA)(DG)(DG)(DT)(DG)(DA)(DT)(DG)(DC)(DT)(DT)(DT)(DA)(DG)(DA)(DT)
(DT)(DT)(DT)(DT)(DC)(DA)(DT)(DT)(DT)(DG)(DC)(DT)(DG)(DC)(DT)(DG)(DG)(DC)(DT)(DC)
(DT)(DC)(DA)(DG)(DC)(DG)(DT)(DG)(DG)(DC)(DA)(DC)(DT)(DG)(DT)(DT)(DG)(DC)(DA)(DG)
(DG)(DC)(DG)(DG)(DT)(DG)(DT)(DT)(DA)(DA)(DT)(DA)(DC)(DT)(DG)(DA)(DC)(DC)(DG)(DC)
(DC)(DT)(DC)(DA)(DC)(DC)(DT)(DC)(DT)(DG)(DT)(DT)(DT)(DT)(DA)(DT)(DC)(DT)(DT)(DC)
(DT)(DG)(DC)(DT)(DG)(DG)(DT)(DG)(DG)(DT)(DT)(DC)(DG)(DT)(DT)(DC)(DG)(DG)(DT)(DA)
(DT)(DT)(DT)(DT)(DT)(DA)(DA)(DT)(DG)(DG)(DC)(DG)(DA)(DT)(DG)(DT)(DT)(DT)(DT)(DA)
(DG)(DG)(DG)(DC)(DT)(DA)(DT)(DC)(DA)(DG)(DT)(DT)(DC)(DG)(DC)(DG)(DC)(DA)(DT)(DT)
(DA)(DA)(DA)(DG)(DA)(DC)(DT)(DA)(DA)(DT)(DA)(DG)(DC)(DC)(DA)(DT)(DT)(DC)(DA)(DA)
(DA)(DA)(DA)(DT)(DA)(DT)(DT)(DG)(DT)(DC)(DT)(DG)(DT)(DG)(DC)(DC)(DA)(DC)(DG)(DT)
(DA)(DT)(DT)(DC)(DT)(DT)(DA)(DC)(DG)(DC)(DT)(DT)(DT)(DC)(DA)(DG)(DG)(DT)(DC)(DA)
(DG)(DA)(DA)(DG)(DG)(DG)(DT)(DT)(DC)(DT)(DA)(DT)(DC)(DT)(DC)(DT)(DG)(DT)(DT)(DG)
(DG)(DC)(DC)(DA)(DG)(DA)(DA)(DT)(DG)(DT)(DC)(DC)(DC)(DT)(DT)(DT)(DT)(DA)(DT)(DT)
(DA)(DC)(DT)(DG)(DG)(DT)(DC)(DG)(DT)(DG)(DT)(DG)(DA)(DC)(DT)(DG)(DG)(DT)(DG)(DA)
(DA)(DT)(DC)(DT)(DG)(DC)(DC)(DA)(DA)(DT)(DG)(DT)(DA)(DA)(DA)(DT)(DA)(DA)(DT)(DC)
(DC)(DA)(DT)(DT)(DT)(DC)(DA)(DG)(DA)(DC)(DG)(DA)(DT)(DT)(DG)(DA)(DG)(DC)(DG)(DT)
(DC)(DA)(DA)(DA)(DA)(DT)(DG)(DT)(DA)(DG)(DG)(DT)(DA)(DT)(DT)(DT)(DC)(DC)(DA)(DT)
(DG)(DA)(DG)(DC)(DG)(DT)(DT)(DT)(DT)(DT)(DC)(DC)(DT)(DG)(DT)(DT)(DG)(DC)(DA)(DA)
(DT)(DG)(DG)(DC)(DT)(DG)(DG)(DC)(DG)(DG)(DT)(DA)(DA)(DT)(DA)(DT)(DT)(DG)(DT)(DT)
(DC)(DT)(DG)(DG)(DA)(DT)(DA)(DT)(DT)(DA)(DC)(DC)(DA)(DG)(DC)(DA)(DA)(DG)(DG)(DC)
(DC)(DG)(DA)(DT)(DA)(DG)(DT)(DT)(DT)(DG)(DA)(DG)(DT)(DT)(DC)(DT)(DT)(DC)(DT)(DA)
(DC)(DT)(DC)(DA)(DG)(DG)(DC)(DA)(DA)(DG)(DT)(DG)(DA)(DT)(DG)(DT)(DT)(DA)(DT)(DT)
(DA)(DC)(DT)(DA)(DA)(DT)(DC)(DA)(DA)(DA)(DG)(DA)(DA)(DG)(DT)(DA)(DT)(DT)(DG)(DC)
(DT)(DA)(DC)(DA)(DA)(DC)(DG)(DG)(DT)(DT)(DA)(DA)(DT)(DT)(DT)(DG)(DC)(DG)(DT)(DG)
(DA)(DT)(DG)(DG)(DA)(DC)(DA)(DG)(DA)(DC)(DT)(DC)(DT)(DT)(DT)(DT)(DA)(DC)(DT)(DC)
(DG)(DG)(DT)(DG)(DG)(DC)(DC)(DT)(DC)(DA)(DC)(DT)(DG)(DA)(DT)(DT)(DA)(DT)(DA)(DA)
(DA)(DA)(DA)(DC)(DA)(DC)(DT)(DT)(DC)(DT)(DC)(DA)(DA)(DG)(DA)(DT)(DT)(DC)(DT)(DG)
(DG)(DC)(DG)(DT)(DA)(DC)(DC)(DG)(DT)(DT)(DC)(DC)(DT)(DG)(DT)(DC)(DT)(DA)(DA)(DA)
(DA)(DT)(DC)(DC)(DC)(DT)(DT)(DT)(DA)(DA)(DT)(DC)(DG)(DG)(DC)(DC)(DT)(DC)(DC)(DT)
(DG)(DT)(DT)(DT)(DA)(DG)(DC)(DT)(DC)(DC)(DC)(DG)(DC)(DT)(DC)(DT)(DG)(DA)(DT)(DT)
(DC)(DC)(DA)(DA)(DC)(DG)(DA)(DG)(DG)(DA)(DA)(DA)(DG)(DC)(DA)(DC)(DG)(DT)(DT)(DA)
(DT)(DA)(DC)(DG)(DT)(DG)(DC)(DT)(DC)(DG)(DT)(DC)(DA)(DA)(DA)(DG)(DC)(DA)(DA)(DC)
(DC)(DA)(DT)(DA)(DG)(DT)(DA)(DC)(DG)(DC)(DG)(DC)(DC)(DC)(DT)(DG)(DT)(DA)(DG)(DC)
(DG)(DG)(DC)(DG)(DC)(DA)(DT)(DT)(DA)(DA)(DG)(DC)(DG)(DC)(DG)(DG)(DC)(DG)(DG)(DG)
(DT)(DG)(DT)(DG)(DG)(DT)(DG)(DG)(DT)(DT)(DA)(DC)(DG)(DC)(DG)(DC)(DA)(DG)(DC)(DG)
(DT)(DG)(DA)(DC)(DC)(DG)(DC)(DT)(DA)(DC)(DA)(DC)(DT)(DT)(DG)(DC)(DC)(DA)(DG)(DC)
(DG)(DC)(DC)(DC)(DT)(DA)(DG)(DC)(DG)(DC)(DC)(DC)(DG)(DC)(DT)(DC)(DC)(DT)(DT)(DT)
(DC)(DG)(DC)(DT)(DT)(DT)(DC)(DT)(DT)(DC)(DC)(DC)(DT)(DT)(DC)(DC)(DT)(DT)(DT)(DC)
(DT)(DC)(DG)(DC)(DC)(DA)(DC)(DG)(DT)(DT)(DC)(DG)(DC)(DC)(DG)(DG)(DC)(DT)(DT)(DT)
(DC)(DC)(DC)(DC)(DG)(DT)(DC)(DA)(DA)(DG)(DC)(DT)(DC)(DT)(DA)(DA)(DA)(DT)(DC)(DG)
(DG)(DG)(DG)(DG)(DC)(DT)(DC)(DC)(DC)(DT)(DT)(DT)(DA)(DG)(DG)(DG)(DT)(DT)(DC)(DC)
(DG)(DA)(DT)(DT)(DT)(DA)(DG)(DT)(DG)(DC)(DT)(DT)(DT)(DA)(DC)(DG)(DG)(DC)(DA)(DC)
(DC)(DT)(DC)(DG)(DA)(DC)(DC)(DC)(DC)(DA)(DA)(DA)(DA)(DA)(DA)(DC)(DT)(DT)(DG)(DA)
(DT)(DT)(DT)(DG)(DG)(DG)(DT)(DG)(DA)(DT)(DG)(DG)(DT)(DT)(DC)(DA)(DC)(DG)(DT)(DA)
(DG)(DT)(DG)(DG)(DG)(DC)(DC)(DA)(DT)(DC)(DG)(DC)(DC)(DC)(DT)(DG)(DA)(DT)(DA)(DG)
(DA)(DC)(DG)(DG)(DT)(DT)(DT)(DT)(DT)(DC)(DG)(DC)(DC)(DC)(DT)(DT)(DT)(DG)(DA)(DC)
(DG)(DT)(DT)(DG)(DG)(DA)(DG)(DT)(DC)(DC)(DA)(DC)(DG)(DT)(DT)(DC)(DT)(DT)(DT)(DA)
(DA)(DT)(DA)(DG)(DT)(DG)(DG)(DA)(DC)(DT)(DC)(DT)(DT)(DG)(DT)(DT)(DC)(DC)(DA)(DA)
(DA)(DC)(DT)(DG)(DG)(DA)(DA)(DC)(DA)(DA)(DC)(DA)(DC)(DT)(DC)(DA)(DA)(DC)(DC)(DC)
(DT)(DA)(DT)(DC)(DT)(DC)(DG)(DG)(DG)(DC)(DT)(DA)(DT)(DT)(DC)(DT)(DT)(DT)(DT)(DG)
(DA)(DT)(DT)(DT)(DA)(DT)(DA)(DA)(DG)(DG)(DG)(DA)(DT)(DT)(DT)(DT)(DG)(DC)(DC)(DG)
(DA)(DT)(DT)(DT)(DC)(DG)(DG)(DA)(DA)(DC)(DC)(DA)(DC)(DC)(DA)(DT)(DC)(DA)(DA)(DA)
(DC)(DA)(DG)(DG)(DA)(DT)(DT)(DT)(DT)(DC)(DG)(DC)(DC)(DT)(DG)(DC)(DT)(DG)(DG)(DG)
(DG)(DC)(DA)(DA)(DA)(DC)(DC)(DA)(DG)(DC)(DG)(DT)(DG)(DG)(DA)(DC)(DC)(DG)(DC)(DT)
(DT)(DG)(DC)(DT)(DG)(DC)(DA)(DA)(DC)(DT)(DC)(DT)(DC)(DT)(DC)(DA)(DG)(DG)(DG)(DC)
(DC)(DA)(DG)(DG)(DC)(DG)(DG)(DT)(DG)(DA)(DA)(DG)(DG)(DG)(DC)(DA)(DA)(DT)(DC)(DA)
(DG)(DC)(DT)(DG)(DT)(DT)(DG)(DC)(DC)(DC)(DG)(DT)(DC)(DT)(DC)(DG)(DC)(DT)(DG)(DG)
(DT)(DG)(DA)(DA)(DA)(DA)(DG)(DA)(DA)(DA)(DA)(DA)(DC)(DC)(DA)(DC)(DC)(DC)(DT)(DG)
(DG)(DC)(DG)(DC)(DC)(DC)(DA)(DA)(DT)(DA)(DC)(DG)(DC)(DA)(DA)(DA)(DC)(DC)(DG)(DC)
(DC)(DT)(DC)(DT)(DC)(DC)(DC)(DC)(DG)(DC)(DG)(DC)(DG)(DT)(DT)(DG)(DG)(DC)(DC)(DG)
(DA)(DT)(DT)(DC)(DA)(DT)(DT)(DA)(DA)(DT)(DG)(DC)(DA)(DG)(DC)(DT)(DG)(DG)(DC)(DA)
(DC)(DG)(DA)(DC)(DA)(DG)(DG)(DT)(DT)(DT)(DC)(DC)(DC)(DG)(DA)(DC)(DT)(DG)(DG)(DA)
(DA)(DA)(DG)(DC)(DG)(DG)(DG)(DC)(DA)(DG)(DT)(DG)(DA)(DG)(DC)(DG)(DC)(DA)(DA)(DC)
(DG)(DC)(DA)(DA)(DT)(DT)(DA)(DA)(DT)(DG)(DT)(DG)(DA)(DG)(DT)(DT)(DA)(DG)(DC)(DT)
(DC)(DA)(DC)(DT)(DC)(DA)(DT)(DT)(DA)(DG)(DG)(DC)(DA)(DC)(DC)(DC)(DC)(DA)(DG)(DG)
(DC)(DT)(DT)(DT)(DA)(DC)(DA)(DC)(DT)(DT)(DT)(DA)(DT)(DG)(DC)(DT)(DT)(DC)(DC)(DG)
(DG)(DC)(DT)(DC)(DG)(DT)(DA)(DT)(DG)(DT)(DT)(DG)(DT)(DG)(DT)(DG)(DG)(DA)(DA)(DT)
(DT)(DG)(DT)(DG)(DA)(DG)(DC)(DG)(DG)(DA)(DT)(DA)(DA)(DC)(DA)(DA)(DT)(DT)(DT)(DC)
(DA)(DC)(DA)(DC)(DA)(DG)(DG)(DA)(DA)(DA)(DC)(DA)(DG)(DC)(DT)(DA)(DT)(DG)(DA)(DC)
(DC)(DA)(DT)(DG)(DA)(DT)(DT)(DA)(DC)(DG)(DA)(DA)(DT)(DT)(DC)(DG)(DA)(DG)(DC)(DT)
(DC)(DG)(DG)(DT)(DA)(DC)(DC)(DC)(DG)(DG)(DG)(DG)(DA)(DT)(DC)(DC)(DT)(DC)(DT)(DA)
(DG)(DA)(DG)(DT)(DC)(DG)(DA)(DC)(DC)(DT)(DG)(DC)(DA)(DG)(DG)(DC)(DA)(DT)(DG)(DC)
(DA)(DA)(DG)(DC)(DT)(DT)(DG)(DG)(DC)(DA)(DC)(DT)(DG)(DG)(DC)(DC)(DG)(DT)(DC)(DG)
(DT)(DT)(DT)(DT)(DA)(DC)(DA)(DA)(DC)(DG)(DT)(DC)(DG)(DT)(DG)(DA)(DC)(DT)(DG)(DG)
(DG)(DA)(DA)(DA)(DA)(DC)(DC)(DC)(DT)(DG)(DG)(DC)(DG)(DT)(DT)(DA)(DC)(DC)(DC)(DA)
(DA)(DC)(DT)(DT)(DA)(DA)(DT)(DC)(DG)(DC)(DC)(DT)(DT)(DG)(DC)(DA)(DG)(DC)(DA)(DC)
(DA)(DT)(DC)(DC)(DC)(DC)(DC)(DT)(DT)(DT)(DC)(DG)(DC)(DC)(DA)(DG)(DC)(DT)(DG)(DG)
(DC)(DG)(DT)(DA)(DA)(DT)(DA)(DG)(DC)(DG)(DA)(DA)(DG)(DA)(DG)(DG)(DC)(DC)(DC)(DG)
(DC)(DA)(DC)(DC)(DG)(DA)(DT)(DC)(DG)(DC)(DC)(DC)(DT)(DT)(DC)(DC)(DC)(DA)(DA)(DC)
(DA)(DG)(DT)(DT)(DG)(DC)(DG)(DC)(DA)(DG)(DC)(DC)(DT)(DG)(DA)(DA)(DT)(DG)(DG)(DC)
(DG)(DA)(DA)(DT)(DG)(DG)(DC)(DG)(DC)(DT)(DT)(DT)(DG)(DC)(DC)(DT)(DG)(DG)(DT)(DT)
(DT)(DC)(DC)(DG)(DG)(DC)(DA)(DC)(DC)(DA)(DG)(DA)(DA)(DG)(DC)(DG)(DG)(DT)(DG)(DC)
(DC)(DG)(DG)(DA)(DA)(DA)(DG)(DC)(DT)(DG)(DG)(DC)(DT)(DG)(DG)(DA)(DG)(DT)(DG)(DC)
(DG)(DA)(DT)(DC)(DT)(DT)(DC)(DC)(DT)(DG)(DA)(DG)(DG)(DC)(DC)(DG)(DA)(DT)(DA)(DC)
(DG)(DG)(DT)(DC)(DG)(DT)(DC)(DG)(DT)(DC)(DC)(DC)(DC)(DT)(DC)(DA)(DA)(DA)(DC)(DT)
(DG)(DG)(DC)(DA)(DG)(DA)(DT)(DG)(DC)(DA)(DC)(DG)(DG)(DT)(DT)(DA)(DC)(DG)(DA)(DT)
(DG)(DC)(DG)(DC)(DC)(DC)(DA)(DT)(DC)(DT)(DA)(DC)(DA)(DC)(DC)(DA)(DA)(DC)(DG)(DT)
(DA)(DA)(DC)(DC)(DT)(DA)(DT)(DC)(DC)(DC)(DA)(DT)(DT)(DA)(DC)(DG)(DG)(DT)(DC)(DA)
(DA)(DT)(DC)(DC)(DG)(DC)(DC)(DG)(DT)(DT)(DT)(DG)(DT)(DT)(DC)(DC)(DC)(DA)(DC)(DG)
(DG)(DA)(DG)(DA)(DA)(DT)(DC)(DC)(DG)(DA)(DC)(DG)(DG)(DG)(DT)(DT)(DG)(DT)(DT)(DA)
(DC)(DT)(DC)(DG)(DC)(DT)(DC)(DA)(DC)(DA)(DT)(DT)(DT)(DA)(DA)(DT)(DG)(DT)(DT)(DG)
(DA)(DT)(DG)(DA)(DA)(DA)(DG)(DC)(DT)(DG)(DG)(DC)(DT)(DA)(DC)(DA)(DG)(DG)(DA)(DA)
(DG)(DG)(DC)(DC)(DA)(DG)(DA)(DC)(DG)(DC)(DG)(DA)(DA)(DT)(DT)(DA)(DT)(DT)(DT)(DT)
(DT)(DG)(DA)(DT)(DG)(DG)(DC)(DG)(DT)(DT)(DC)(DC)(DT)(DA)(DT)(DT)(DG)(DG)(DT)(DT)
(DA)(DA)(DA)(DA)(DA)(DA)(DT)(DG)(DA)(DG)(DC)(DT)(DG)(DA)(DT)(DT)(DT)(DA)(DA)(DC)
(DA)(DA)(DA)(DA)(DA)(DT)(DT)(DT)(DA)(DA)(DC)(DG)(DC)(DG)(DA)(DA)(DT)(DT)(DT)(DT)
(DA)(DA)(DC)(DA)(DA)(DA)(DA)(DT)(DA)(DT)(DT)(DA)(DA)(DC)(DG)(DT)(DT)(DT)(DA)(DC)
(DA)(DA)(DT)(DT)(DT)(DA)(DA)(DA)(DT)(DA)(DT)(DT)(DT)(DG)(DC)(DT)(DT)(DA)(DT)(DA)
(DC)(DA)(DA)(DT)(DC)(DT)(DT)(DC)(DC)(DT)(DG)(DT)(DT)(DT)(DT)(DT)(DG)(DG)(DG)(DG)
(DC)(DT)(DT)(DT)(DT)(DC)(DT)(DG)(DA)(DT)(DT)(DA)(DT)(DC)(DA)(DA)(DC)(DC)(DG)(DG)
(DG)(DG)(DT)(DA)(DC)(DA)(DT)(DA)(DT)(DG)(DA)(DT)(DT)(DG)(DA)(DC)(DA)(DT)(DG)(DC)
(DT)(DA)(DG)(DT)(DT)(DT)(DT)(DA)(DC)(DG)(DA)(DT)(DT)(DA)(DC)(DC)(DG)(DT)(DT)(DC)
(DA)(DT)(DC)(DG)(DA)(DT)(DT)(DC)(DT)(DC)(DT)(DT)(DG)(DT)(DT)(DT)(DG)(DC)(DT)(DC)
(DC)(DA)(DG)(DA)(DC)(DT)(DC)(DT)(DC)(DA)(DG)(DG)(DC)(DA)(DA)(DT)(DG)(DA)(DC)(DC)
(DT)(DG)(DA)(DT)(DA)(DG)(DC)(DC)(DT)(DT)(DT)(DG)(DT)(DA)(DG)(DA)(DT)(DC)(DT)(DC)
(DT)(DC)(DA)(DA)(DA)(DA)(DA)(DT)(DA)(DG)(DC)(DT)(DA)(DC)(DC)(DC)(DT)(DC)(DT)(DC)
(DC)(DG)(DG)(DC)(DA)(DT)(DT)(DA)(DA)(DT)(DT)(DT)(DA)(DT)(DC)(DA)(DG)(DC)(DT)(DA)
(DG)(DA)(DA)(DC)(DG)(DG)(DT)(DT)(DG)(DA)(DA)(DT)(DA)(DT)(DC)(DA)(DT)(DA)(DT)(DT)
(DG)(DA)(DT)(DG)(DG)(DT)(DG)(DA)(DT)(DT)(DT)(DG)(DA)(DC)(DT)(DG)(DT)(DC)(DT)(DC)
(DC)(DG)(DG)(DC)(DC)(DT)(DT)(DT)(DC)(DT)(DC)(DA)(DC)(DC)(DC)(DT)(DT)(DT)(DT)(DG)
(DA)(DA)(DT)(DC)(DT)(DT)(DT)(DA)(DC)(DC)(DT)(DA)(DC)(DA)(DC)(DA)(DT)(DT)(DA)(DC)
(DT)(DC)(DA)(DG)(DG)(DC)(DA)(DT)(DT)(DG)(DC)(DA)(DT)(DT)(DT)(DA)(DA)(DA)(DA)(DT)
(DA)(DT)(DA)(DT)(DG)(DA)(DG)(DG)(DG)(DT)(DT)(DC)(DT)(DA)(DA)(DA)(DA)(DA)(DT)(DT)
(DT)(DT)(DT)(DA)(DT)(DC)(DC)(DT)(DT)(DG)(DC)(DG)(DT)(DT)(DG)(DA)(DA)(DA)(DT)(DA)
(DA)(DA)(DG)(DG)(DC)(DT)(DT)(DC)(DT)(DC)(DC)(DC)(DG)(DC)(DA)(DA)(DA)(DA)(DG)(DT)
(DA)(DT)(DT)(DA)(DC)(DA)(DG)(DG)(DG)(DT)(DC)(DA)(DT)(DA)(DA)(DT)(DG)(DT)(DT)(DT)
(DT)(DT)(DG)(DG)(DT)(DA)(DC)(DA)(DA)(DC)(DC)(DG)(DA)(DT)(DT)(DT)(DA)(DG)(DC)(DT)
(DT)(DT)(DA)(DT)(DG)(DC)(DT)(DC)(DT)(DG)(DA)(DG)(DG)(DC)(DT)(DT)(DT)(DA)(DT)(DT)
(DG)(DC)(DT)(DT)(DA)(DA)(DT)(DT)(DT)(DT)(DG)(DC)(DT)(DA)(DA)(DT)(DT)(DC)(DT)(DT)
(DT)(DG)(DC)(DC)(DT)(DT)(DG)(DC)(DC)(DT)(DG)(DT)(DA)(DT)(DG)(DA)(DT)(DT)(DT)(DA)
(DT)(DT)(DG)(DG)(DA)(DT)(DG)(DT)(DT)
;
AA
2 'polydeoxyribonucleotide'
;(DT)(DT)(DT)(DT)(DT)(DA)(DA)(DG)(DG)(DT)(DG)(DG)(DC)(DA)(DT)(DC)(DA)(DA)(DT)(DT)
(DC)(DT)(DA)(DC)(DA)(DA)(DA)(DG)(DC)(DG)(DG)(DA)(DG)(DA)(DC)(DT)(DT)(DC)(DA)(DA)
;
AB
3 'polydeoxyribonucleotide'
;(DT)(DT)(DT)(DT)(DT)(DA)(DT)(DA)(DA)(DA)(DT)(DC)(DA)(DC)(DG)(DA)(DG)(DC)(DT)(DT)
(DC)(DA)(DA)(DG)(DG)(DA)(DT)(DT)(DT)(DT)(DT)
;
AC
4 'polydeoxyribonucleotide'
;(DA)(DT)(DA)(DT)(DT)(DT)(DT)(DC)(DA)(DT)(DT)(DT)(DG)(DG)(DG)(DG)(DA)(DA)(DT)(DA)
(DA)(DC)(DC)(DT)(DC)(DT)(DC)(DC)(DA)(DA)(DC)(DA)(DT)(DT)(DT)(DT)(DG)(DA)(DT)(DA)
;
AD
5 'polydeoxyribonucleotide'
;(DT)(DT)(DT)(DT)(DT)(DC)(DG)(DC)(DA)(DA)(DA)(DT)(DG)(DG)(DT)(DC)(DC)(DG)(DC)(DG)
(DA)(DG)(DC)(DT)(DG)(DC)(DC)(DC)(DG)(DA)(DA)(DA)(DT)(DT)(DG)(DC)(DA)(DT)(DC)(DA)
(DT)(DA)(DT)(DT)(DA)(DT)(DA)(DG)
;
AE
6 'polydeoxyribonucleotide'
;(DT)(DT)(DT)(DT)(DT)(DA)(DA)(DA)(DT)(DT)(DA)(DA)(DG)(DG)(DA)(DT)(DG)(DG)(DC)(DT)
(DT)(DA)(DT)(DT)(DT)(DC)(DT)(DT)(DT)(DT)(DT)
;
AF
7 'polydeoxyribonucleotide'
;(DA)(DT)(DT)(DC)(DT)(DG)(DC)(DG)(DC)(DT)(DG)(DT)(DA)(DG)(DC)(DT)(DT)(DG)(DT)(DC)
(DT)(DG)(DG)(DA)(DT)(DC)(DA)(DA)(DT)(DC)(DA)(DT)(DA)(DA)(DA)(DT)(DA)(DT)(DT)(DT)
;
AG
8 'polydeoxyribonucleotide'
;(DT)(DT)(DT)(DT)(DT)(DT)(DA)(DA)(DA)(DT)(DC)(DG)(DG)(DT)(DT)(DT)(DG)(DC)(DG)(DG)
(DG)(DA)(DG)(DA)(DA)(DG)(DT)(DT)(DT)(DT)(DT)
;
AH
9 'polydeoxyribonucleotide'
;(DA)(DT)(DG)(DA)(DC)(DC)(DC)(DT)(DG)(DT)(DA)(DA)(DT)(DA)(DC)(DT)(DT)(DT)(DG)(DT)
(DA)(DC)(DC)(DA)(DC)(DC)(DT)(DC)(DA)(DG)(DA)(DG)(DC)(DA)(DT)(DA)(DA)(DA)(DG)(DC)
(DT)(DT)(DT)(DT)(DT)
;
AI
10 'polydeoxyribonucleotide'
;(DA)(DA)(DG)(DT)(DA)(DC)(DG)(DG)(DC)(DA)(DA)(DC)(DA)(DT)(DG)(DT)(DG)(DT)(DC)(DA)
(DT)(DT)(DG)(DC)(DT)(DG)(DC)(DC)(DG)(DG)(DA)(DG)(DA)(DG)(DA)(DA)(DC)(DT)(DG)(DG)
;
AJ
11 'polydeoxyribonucleotide'
;(DT)(DT)(DT)(DT)(DT)(DT)(DG)(DC)(DA)(DA)(DC)(DT)(DA)(DA)(DC)(DA)(DT)(DT)(DT)(DT)
(DT)(DT)(DT)(DT)(DT)(DT)(DG)(DT)(DT)(DG)(DA)(DT)(DT)(DC)(DC)(DC)(DA)(DT)(DA)(DG)
(DA)(DT)(DA)(DC)(DA)
;
AK
12 'polydeoxyribonucleotide'
;(DT)(DT)(DT)(DT)(DT)(DC)(DC)(DT)(DT)(DT)(DA)(DG)(DA)(DG)(DC)(DT)(DT)(DA)(DA)(DA)
(DT)(DC)(DG)(DA)(DT)(DG)(DG)(DA)(DG)(DG)(DC)(DT)(DT)(DT)(DT)(DT)
;
AL
13 'polydeoxyribonucleotide'
;(DA)(DT)(DT)(DG)(DC)(DT)(DG)(DA)(DT)(DT)(DT)(DT)(DT)(DG)(DC)(DG)(DC)(DA)(DA)(DT)
(DA)(DA)(DA)(DG)(DA)(DG)(DG)(DC)(DA)(DA)(DA)(DG)(DA)(DA)(DT)(DT)(DA)(DG)(DC)(DA)
(DT)(DT)(DT)(DT)(DT)
;
AM
14 'polydeoxyribonucleotide'
;(DA)(DT)(DC)(DT)(DG)(DG)(DT)(DG)(DA)(DA)(DC)(DG)(DA)(DG)(DT)(DA)(DA)(DA)(DA)(DA)
(DC)(DA)(DT)(DT)(DA)(DG)(DT)(DT)(DT)(DC)(DA)(DT)(DT)(DC)(DC)(DA)(DT)(DG)(DT)(DA)
;
AN
15 'polydeoxyribonucleotide'
;(DA)(DT)(DT)(DG)(DC)(DT)(DC)(DC)(DG)(DG)(DT)(DC)(DA)(DG)(DG)(DA)(DT)(DA)(DA)(DA)
(DT)(DT)(DA)(DA)(DA)(DG)(DA)(DC)(DA)(DG)(DT)(DC)(DA)(DG)(DC)(DT)(DG)(DC)(DT)(DC)
;
AO
16 'polydeoxyribonucleotide'
;(DT)(DT)(DT)(DT)(DT)(DA)(DA)(DC)(DG)(DC)(DA)(DA)(DA)(DG)(DC)(DG)(DA)(DA)(DA)(DA)
(DT)(DA)(DC)(DT)(DG)(DC)(DG)(DG)(DA)(DA)(DT)(DT)(DT)(DT)(DT)(DT)
;
AP
17 'polydeoxyribonucleotide'
;(DC)(DC)(DA)(DG)(DA)(DC)(DC)(DG)(DT)(DT)(DT)(DT)(DA)(DA)(DT)(DT)(DT)(DA)(DC)(DA)
(DG)(DG)(DC)(DA)(DG)(DT)(DA)(DG)(DC)(DA)(DT)(DT)(DA)(DA)(DC)(DA)(DT)(DC)(DC)(DA)
(DT)(DT)(DT)(DT)(DT)
;
AQ
18 'polydeoxyribonucleotide'
;(DT)(DT)(DA)(DG)(DA)(DG)(DA)(DG)(DT)(DT)(DT)(DT)(DT)(DT)(DT)(DT)(DT)(DT)(DT)(DA)
(DC)(DC)(DT)(DT)(DT)(DA)(DT)(DT)(DT)(DT)(DT)(DT)(DT)(DT)
;
AR
19 'polydeoxyribonucleotide'
;(DT)(DT)(DT)(DT)(DT)(DT)(DA)(DA)(DA)(DA)(DA)(DT)(DT)(DT)(DT)(DT)(DA)(DG)(DT)(DA)
(DA)(DT)(DG)(DT)(DG)(DT)(DT)(DA)(DA)(DA)(DT)(DT)(DT)(DT)(DT)(DT)
;
AS
20 'polydeoxyribonucleotide'
;(DA)(DA)(DA)(DA)(DG)(DA)(DT)(DT)(DT)(DT)(DT)(DT)(DT)(DT)(DT)(DT)(DT)(DT)(DA)(DA)
(DG)(DA)(DG)(DG)(DA)(DA)(DG)(DA)(DA)(DT)(DT)(DT)(DT)(DT)
;
AT
21 'polydeoxyribonucleotide'
;(DT)(DT)(DT)(DT)(DT)(DA)(DT)(DC)(DA)(DT)(DT)(DT)(DT)(DT)(DC)(DA)(DT)(DT)(DT)(DT)
(DT)(DT)(DT)(DT)(DT)(DT)(DT)(DC)(DA)(DA)(DC)(DA)(DT)(DT)
;
AU
22 'polydeoxyribonucleotide'
;(DT)(DT)(DT)(DT)(DT)(DA)(DT)(DT)(DC)(DA)(DT)(DT)(DG)(DA)(DA)(DT)(DC)(DC)(DA)(DA)
(DA)(DG)(DA)(DG)(DG)(DA)(DG)(DT)(DG)(DT)(DC)(DG)(DA)(DA)
;
AV
23 'polydeoxyribonucleotide'
;(DG)(DA)(DA)(DA)(DA)(DC)(DG)(DA)(DC)(DA)(DA)(DT)(DC)(DA)(DT)(DA)(DT)(DA)(DG)(DC)
(DC)(DG)(DG)(DA)(DA)(DA)(DA)(DA)(DC)(DG)(DA)(DA)
;
AW
24 'polydeoxyribonucleotide'
;(DT)(DT)(DT)(DT)(DT)(DC)(DG)(DT)(DC)(DA)(DA)(DG)(DG)(DT)(DA)(DA)(DA)(DG)(DA)(DC)
(DG)(DA)(DG)(DA)(DA)(DC)(DG)(DG)(DC)(DG)(DC)(DA)(DT)(DA)(DG)(DC)(DA)(DG)(DC)(DG)
(DA)(DA)
;
AX
25 'polydeoxyribonucleotide'
;(DA)(DT)(DT)(DC)(DA)(DA)(DA)(DA)(DT)(DG)(DC)(DC)(DT)(DG)(DA)(DG)(DA)(DA)(DC)(DC)
(DC)(DT)(DC)(DA)(DT)(DA)(DT)(DA)(DT)(DT)(DT)(DT)(DT)(DA)(DA)(DT)(DA)(DG)(DT)(DA)
;
AY
26 'polydeoxyribonucleotide'
;(DG)(DG)(DG)(DT)(DG)(DA)(DG)(DA)(DA)(DT)(DA)(DT)(DC)(DG)(DC)(DG)(DG)(DA)(DA)(DG)
(DC)(DA)(DA)(DA)(DG)(DT)(DT)(DT)(DA)(DG)(DC)(DT)(DG)(DA)(DT)(DT)(DT)(DA)(DG)(DT)
(DT)(DT)(DG)(DA)(DC)(DC)(DA)(DT)
;
AZ
27 'polydeoxyribonucleotide'
;(DA)(DA)(DG)(DG)(DC)(DC)(DG)(DG)(DA)(DA)(DA)(DT)(DG)(DT)(DT)(DT)(DT)(DT)(DA)(DA)
(DT)(DC)(DA)(DT)(DC)(DT)(DC)(DA)(DT)(DT)(DA)(DT)(DG)(DG)(DG)(DC)(DC)(DT)(DC)(DT)
;
Aa
28 'polydeoxyribonucleotide'
;(DA)(DT)(DC)(DA)(DA)(DT)(DA)(DT)(DG)(DA)(DT)(DT)(DT)(DT)(DT)(DT)(DT)(DT)(DT)(DT)
(DT)(DA)(DT)(DT)(DT)(DC)(DC)(DT)(DG)(DT)(DA)(DG)(DT)(DT)(DT)(DT)(DT)
;
Ab
29 'polydeoxyribonucleotide'
;(DT)(DT)(DT)(DT)(DT)(DT)(DT)(DT)(DT)(DG)(DC)(DA)(DA)(DA)(DA)(DG)(DA)(DA)(DG)(DG)
(DA)(DA)(DG)(DA)(DA)(DA)(DG)(DC)(DT)(DT)(DG)(DA)(DG)(DA)(DG)(DC)(DT)(DG)(DC)(DG)
(DC)(DA)(DA)(DG)(DC)(DT)(DT)(DG)(DA)(DT)
;
Ac
30 'polydeoxyribonucleotide'
;(DT)(DA)(DA)(DT)(DA)(DG)(DT)(DA)(DC)(DT)(DG)(DA)(DG)(DA)(DG)(DT)(DA)(DG)(DA)(DA)
(DA)(DG)(DA)(DT)(DA)(DA)(DA)(DA)(DG)(DG)(DA)(DA)(DT)(DG)(DC)(DT)(DA)(DA)(DA)(DC)
;
Ad
31 'polydeoxyribonucleotide'
;(DT)(DA)(DT)(DT)(DT)(DT)(DT)(DG)(DA)(DG)(DA)(DT)(DT)(DT)(DT)(DT)(DT)(DT)(DT)(DT)
(DT)(DG)(DA)(DT)(DC)(DA)(DC)(DC)(DG)(DC)(DC)(DA)(DT)(DT)(DT)(DT)(DT)
;
Ae
32 'polydeoxyribonucleotide'
;(DC)(DA)(DA)(DA)(DA)(DA)(DC)(DA)(DG)(DG)(DA)(DA)(DG)(DA)(DT)(DT)(DG)(DT)(DA)(DT)
(DA)(DA)(DG)(DC)(DA)(DT)(DG)(DT)(DA)(DC)(DC)(DC)(DA)(DT)(DA)(DA)(DC)(DG)(DC)(DC)
(DT)(DC)(DA)(DT)(DC)(DA)(DG)(DT)
;
Af
33 'polydeoxyribonucleotide'
;(DT)(DT)(DT)(DT)(DT)(DA)(DG)(DC)(DG)(DA)(DA)(DA)(DC)(DG)(DG)(DT)(DA)(DA)(DG)(DA)
(DG)(DC)(DA)(DA)(DC)(DA)(DT)(DA)(DA)(DC)(DG)(DG)(DA)(DA)(DA)(DA)(DA)(DA)(DA)(DA)
(DA)(DG)
;
Ag
34 'polydeoxyribonucleotide'
;(DA)(DA)(DT)(DC)(DA)(DG)(DA)(DA)(DA)(DA)(DG)(DT)(DT)(DT)(DT)(DT)(DT)(DT)(DT)(DT)
(DT)(DC)(DC)(DC)(DT)(DA)(DA)(DC)(DC)(DA)(DA)(DT)(DT)(DT)(DT)(DT)(DT)
;
Ah
35 'polydeoxyribonucleotide'
;(DG)(DC)(DA)(DG)(DA)(DT)(DA)(DC)(DC)(DG)(DG)(DT)(DT)(DG)(DA)(DT)(DG)(DC)(DT)(DA)
(DT)(DC)(DA)(DG)(DT)(DT)(DT)(DA)(DA)(DA)(DT)(DA)(DT)(DT)(DT)(DT)(DT)
;
Ai
36 'polydeoxyribonucleotide'
;(DT)(DT)(DT)(DT)(DT)(DA)(DG)(DG)(DA)(DA)(DA)(DT)(DT)(DG)(DA)(DG)(DA)(DA)(DT)(DA)
(DG)(DG)(DG)(DG)(DT)(DT)(DT)(DT)(DT)(DT)(DT)
;
Aj
37 'polydeoxyribonucleotide'
;(DT)(DT)(DT)(DT)(DT)(DC)(DT)(DC)(DG)(DT)(DT)(DT)(DA)(DC)(DC)(DA)(DG)(DA)(DC)(DG)
(DA)(DC)(DG)(DA)(DC)(DG)(DT)(DA)(DA)(DC)(DG)(DA)(DA)(DA)(DA)(DT)(DG)(DA)(DA)(DT)
;
Ak
38 'polydeoxyribonucleotide'
;(DT)(DA)(DA)(DA)(DA)(DT)(DT)(DC)(DA)(DA)(DA)(DT)(DT)(DG)(DT)(DA)(DA)(DA)(DC)(DG)
(DT)(DT)(DA)(DA)(DT)(DA)(DA)(DA)(DA)(DA)(DC)(DC)(DA)(DA)(DA)(DA)(DT)(DT)(DT)(DT)
(DT)(DT)
;
Al
39 'polydeoxyribonucleotide'
;(DG)(DC)(DG)(DT)(DT)(DA)(DA)(DA)(DT)(DT)(DT)(DT)(DT)(DG)(DT)(DT)(DC)(DC)(DA)(DG)
(DT)(DG)(DC)(DC)(DA)(DA)(DC)(DT)(DT)(DT)(DC)(DA)(DC)(DC)(DC)(DA)(DA)(DT)(DA)(DG)
;
Am
40 'polydeoxyribonucleotide'
;(DT)(DT)(DA)(DT)(DT)(DT)(DT)(DT)(DT)(DT)(DT)(DT)(DT)(DA)(DT)(DA)(DA)(DA)(DA)(DC)
(DG)(DA)(DA)(DC)(DC)(DT)(DA)(DT)(DC)(DA)(DT)(DA)(DA)(DC)(DG)(DT)(DT)(DA)(DG)(DT)
;
An
41 'polydeoxyribonucleotide'
;(DA)(DA)(DT)(DC)(DT)(DA)(DC)(DG)(DA)(DT)(DC)(DG)(DG)(DT)(DT)(DT)(DG)(DC)(DT)(DC)
(DC)(DA)(DA)(DA)(DT)(DT)(DG)(DA)(DT)(DA)(DT)(DA)
;
Ao
42 'polydeoxyribonucleotide'
;(DT)(DT)(DT)(DT)(DT)(DT)(DC)(DA)(DA)(DA)(DA)(DA)(DT)(DG)(DG)(DG)(DG)(DG)(DA)(DT)
(DG)(DA)(DA)(DA)(DG)(DG)(DA)(DA)(DC)(DC)(DA)(DG)(DA)(DA)(DC)(DC)(DG)
;
Ap
43 'polydeoxyribonucleotide'
;(DA)(DC)(DC)(DA)(DG)(DA)(DA)(DC)(DT)(DC)(DT)(DT)(DA)(DA)(DA)(DC)(DA)(DT)(DC)(DA)
(DG)(DC)(DT)(DT)(DC)(DA)(DG)(DG)(DG)(DT)(DG)(DG)(DA)(DG)(DA)(DG)(DG)(DC)(DG)(DG)
;
Aq
44 'polydeoxyribonucleotide'
;(DA)(DA)(DT)(DA)(DA)(DG)(DG)(DC)(DT)(DT)(DT)(DC)(DA)(DA)(DC)(DT)(DA)(DG)(DA)(DC)
(DT)(DG)(DG)(DA)(DA)(DG)(DA)(DG)(DG)(DG)(DG)(DG)(DA)(DG)(DA)(DG)(DG)(DT)(DC)(DA)
;
Ar
45 'polydeoxyribonucleotide'
;(DT)(DT)(DT)(DT)(DT)(DC)(DC)(DA)(DG)(DC)(DA)(DC)(DC)(DG)(DA)(DT)(DA)(DT)(DA)(DT)
(DT)(DC)(DT)(DC)(DC)(DA)(DT)(DT)(DT)(DT)(DT)
;
As
46 'polydeoxyribonucleotide'
;(DT)(DG)(DT)(DG)(DA)(DA)(DT)(DT)(DG)(DG)(DA)(DA)(DA)(DC)(DC)(DA)(DA)(DA)(DC)(DA)
(DA)(DC)(DC)(DA)(DG)(DT)(DT)(DG)(DA)(DG)(DT)(DG)
;
At
47 'polydeoxyribonucleotide'
;(DC)(DA)(DG)(DA)(DT)(DG)(DA)(DA)(DA)(DA)(DC)(DG)(DG)(DC)(DT)(DA)(DA)(DG)(DA)(DC)
(DA)(DG)(DC)(DA)(DG)(DG)(DG)(DC)(DG)(DA)(DA)(DA)
;
Au
48 'polydeoxyribonucleotide'
;(DC)(DA)(DA)(DC)(DT)(DT)(DT)(DG)(DC)(DC)(DC)(DT)(DC)(DA)(DA)(DA)(DT)(DG)(DC)(DT)
(DT)(DT)(DA)(DA)(DA)(DC)(DA)(DG)(DT)(DT)(DC)(DA)(DT)(DC)(DA)(DG)(DA)(DA)(DG)(DC)
;
Av
49 'polydeoxyribonucleotide'
;(DA)(DG)(DG)(DG)(DA)(DA)(DC)(DC)(DT)(DT)(DT)(DT)(DC)(DA)(DT)(DG)(DG)(DC)(DT)(DT)
(DT)(DT)(DG)(DC)(DA)(DC)(DT)(DA)(DC)(DG)(DT)(DG)(DT)(DT)(DG)(DT)(DT)(DC)(DC)(DA)
;
Aw
50 'polydeoxyribonucleotide'
;(DC)(DA)(DG)(DA)(DC)(DG)(DG)(DT)(DG)(DA)(DA)(DT)(DG)(DA)(DC)(DC)(DA)(DT)(DA)(DA)
(DA)(DT)(DC)(DA)(DA)(DA)(DA)(DT)(DT)(DT)(DT)(DT)
;
Ax
51 'polydeoxyribonucleotide'
;(DT)(DC)(DA)(DA)(DG)(DA)(DG)(DT)(DA)(DT)(DT)(DC)(DA)(DG)(DT)(DG)(DA)(DC)(DA)(DA)
(DT)(DG)(DA)(DC)(DG)(DG)(DC)(DA)(DA)(DA)(DG)(DC)(DG)(DC)(DA)(DA)(DC)(DA)(DG)(DC)
;
Ay
52 'polydeoxyribonucleotide'
;(DA)(DA)(DT)(DC)(DT)(DT)(DG)(DA)(DT)(DA)(DA)(DA)(DG)(DG)(DC)(DC)(DA)(DG)(DG)(DA)
(DA)(DG)(DT)(DT)(DC)(DC)(DG)(DG)(DA)(DA)(DC)(DC)(DA)(DG)(DA)(DG)(DC)(DC)(DG)(DC)
;
Az
53 'polydeoxyribonucleotide'
;(DA)(DC)(DA)(DA)(DA)(DC)(DG)(DG)(DC)(DG)(DG)(DA)(DT)(DT)(DG)(DA)(DC)(DC)(DG)(DT)
(DA)(DA)(DT)(DG)(DG)(DT)(DA)(DA)(DC)(DC)(DG)(DT)(DA)(DG)(DA)(DG)(DG)(DC)(DG)(DA)
(DC)(DC)(DA)(DC)(DC)(DA)(DC)(DC)
;
A0
54 'polydeoxyribonucleotide'
;(DT)(DT)(DT)(DT)(DT)(DC)(DG)(DG)(DA)(DT)(DT)(DC)(DT)(DC)(DG)(DA)(DC)(DC)(DG)(DT)
(DA)(DT)(DC)(DG)(DG)(DC)(DT)(DT)(DT)(DT)(DT)
;
A1
55 'polydeoxyribonucleotide'
;(DT)(DT)(DG)(DA)(DC)(DC)(DC)(DC)(DC)(DA)(DG)(DA)(DG)(DC)(DC)(DA)(DC)(DG)(DC)(DC)
(DA)(DC)(DC)(DC)(DT)(DC)(DA)(DG)(DA)(DA)(DC)(DC)(DT)(DT)(DT)(DG)(DC)(DT)(DT)(DT)
(DT)(DT)
;
A2
56 'polydeoxyribonucleotide'
;(DA)(DC)(DT)(DC)(DA)(DT)(DC)(DT)(DA)(DA)(DA)(DG)(DT)(DA)(DC)(DA)(DG)(DA)(DC)(DT)
(DC)(DC)(DT)(DC)(DA)(DA)(DG)(DA)(DG)(DA)(DA)(DG)
;
A3
57 'polydeoxyribonucleotide'
;(DA)(DC)(DT)(DA)(DA)(DA)(DA)(DC)(DA)(DT)(DC)(DC)(DG)(DC)(DG)(DA)(DT)(DA)(DC)(DG)
(DT)(DT)(DG)(DG)(DA)(DC)(DG)(DG)(DA)(DG)(DA)(DT)(DT)(DT)(DG)(DT)(DA)(DT)(DC)(DA)
(DC)(DG)(DC)(DG)(DA)(DA)(DA)(DC)
;
A4
58 'polydeoxyribonucleotide'
;(DA)(DA)(DG)(DA)(DA)(DT)(DA)(DC)(DT)(DA)(DA)(DA)(DG)(DA)(DC)(DT)(DG)(DA)(DA)(DC)
(DT)(DG)(DA)(DC)(DG)(DA)(DC)(DC)(DT)(DT)(DC)(DA)(DA)(DA)(DA)(DT)(DG)(DC)(DA)(DA)
;
A5
59 'polydeoxyribonucleotide'
;(DA)(DC)(DG)(DA)(DA)(DG)(DG)(DC)(DA)(DC)(DG)(DG)(DG)(DT)(DA)(DA)(DA)(DA)(DA)(DT)
(DG)(DT)(DG)(DA)(DG)(DG)(DA)(DT)(DA)(DT)(DT)(DC)(DA)(DG)(DG)(DT)(DC)(DT)(DT)(DT)
;
A6
60 'polydeoxyribonucleotide'
;(DT)(DT)(DT)(DT)(DT)(DC)(DT)(DC)(DA)(DG)(DA)(DT)(DG)(DC)(DC)(DA)(DC)(DT)(DA)(DG)
(DG)(DT)(DT)(DG)(DA)(DG)(DG)(DC)(DC)(DA)(DT)(DC)(DT)(DT)(DT)(DT)(DC)(DA)(DT)(DA)
(DA)(DT)
;
A7
61 'polydeoxyribonucleotide'
;(DT)(DT)(DT)(DT)(DT)(DA)(DT)(DA)(DC)(DC)(DA)(DA)(DG)(DT)(DC)(DG)(DT)(DT)(DT)(DT)
(DT)(DT)(DT)(DT)(DT)(DT)(DC)(DC)(DT)(DG)(DA)(DT)(DA)(DA)(DA)(DT)(DT)
;
A8
62 'polydeoxyribonucleotide'
;(DT)(DG)(DT)(DA)(DG)(DA)(DT)(DG)(DG)(DG)(DC)(DG)(DC)(DA)(DT)(DC)(DG)(DG)(DA)(DT)
(DA)(DG)(DG)(DT)(DC)(DC)(DT)(DG)(DC)(DT)(DC)(DC)(DA)(DT)(DG)(DT)(DT)(DA)(DC)(DT)
;
A9
63 'polydeoxyribonucleotide'
;(DG)(DC)(DA)(DT)(DC)(DT)(DG)(DC)(DA)(DT)(DT)(DA)(DA)(DA)(DG)(DC)(DC)(DA)(DG)(DA)
(DA)(DT)(DG)(DG)(DA)(DG)(DC)(DG)(DT)(DC)(DA)(DT)
;
BA
64 'polydeoxyribonucleotide'
;(DC)(DA)(DG)(DT)(DT)(DT)(DG)(DA)(DG)(DG)(DG)(DG)(DA)(DC)(DG)(DA)(DC)(DC)(DG)(DT)
(DG)(DG)(DG)(DA)(DG)(DC)(DG)(DA)(DG)(DT)(DA)(DA)(DC)(DA)(DA)(DC)(DC)(DC)(DG)(DT)
(DT)(DT)(DT)(DT)(DT)
;
BB
65 'polydeoxyribonucleotide'
;(DT)(DT)(DT)(DT)(DT)(DA)(DG)(DG)(DG)(DT)(DA)(DG)(DC)(DC)(DG)(DG)(DT)(DT)(DT)(DT)
(DT)(DT)(DT)(DT)(DT)(DT)(DT)(DG)(DT)(DA)(DC)(DA)(DG)(DA)(DC)(DC)(DA)
;
BC
66 'polydeoxyribonucleotide'
;(DC)(DA)(DG)(DA)(DG)(DG)(DC)(DT)(DC)(DT)(DC)(DA)(DG)(DA)(DG)(DC)(DC)(DC)(DA)(DC)
(DC)(DC)(DT)(DC)(DC)(DT)(DA)(DT)(DT)(DT)(DC)(DG)
;
BD
67 'polydeoxyribonucleotide'
;(DA)(DA)(DT)(DA)(DC)(DG)(DT)(DA)(DG)(DA)(DA)(DG)(DA)(DT)(DT)(DT)(DT)(DT)(DT)(DT)
(DT)(DT)(DT)(DT)(DC)(DG)(DC)(DA)(DC)(DG)(DG)(DT)(DC)(DG)(DC)(DT)
;
BE
68 'polydeoxyribonucleotide'
;(DT)(DT)(DT)(DT)(DT)(DG)(DC)(DC)(DA)(DG)(DC)(DT)(DT)(DT)(DC)(DC)(DG)(DG)(DT)(DG)
(DA)(DG)(DA)(DG)(DA)(DG)(DG)(DC)(DC)(DC)(DG)(DC)(DT)(DT)(DA)(DT)(DT)(DA)(DC)(DG)
(DC)(DA)
;
BF
69 'polydeoxyribonucleotide'
;(DT)(DT)(DT)(DT)(DT)(DG)(DG)(DT)(DG)(DA)(DA)(DT)(DT)(DG)(DA)(DG)(DT)(DT)(DT)(DT)
(DT)(DT)(DT)(DT)(DT)(DT)(DT)(DA)(DG)(DT)(DA)(DA)(DA)(DT)(DT)(DG)(DG)
;
BG
70 'polydeoxyribonucleotide'
;(DA)(DT)(DC)(DT)(DC)(DC)(DA)(DA)(DC)(DA)(DA)(DC)(DA)(DT)(DT)(DA)(DG)(DG)(DA)(DC)
(DG)(DT)(DT)(DG)(DG)(DT)(DT)(DT)(DT)(DG)(DC)(DC)(DT)(DA)(DG)(DC)(DG)(DT)(DC)(DC)
;
BH
71 'polydeoxyribonucleotide'
;(DT)(DT)(DT)(DT)(DT)(DT)(DC)(DA)(DA)(DC)(DC)(DG)(DT)(DA)(DC)(DT)(DG)(DA)(DA)(DC)
(DC)(DC)(DA)(DT)(DT)(DA)(DC)(DC)(DG)(DA)(DA)(DC)
;
BI
72 'polydeoxyribonucleotide'
;(DA)(DA)(DT)(DA)(DA)(DT)(DA)(DA)(DT)(DC)(DG)(DC)(DT)(DA)(DT)(DT)(DG)(DT)(DC)(DG)
(DT)(DG)(DC)(DC)(DT)(DG)(DA)(DT)(DT)(DG)(DC)(DC)(DA)(DT)(DC)(DC)(DA)(DG)(DA)(DA)
;
BJ
73 'polydeoxyribonucleotide'
;(DA)(DA)(DC)(DT)(DA)(DA)(DA)(DG)(DA)(DG)(DC)(DG)(DG)(DA)(DG)(DT)(DC)(DA)(DA)(DC)
(DT)(DA)(DA)(DT)(DT)(DC)(DA)(DT)(DT)(DT)(DT)(DT)
;
BK
74 'polydeoxyribonucleotide'
;(DT)(DT)(DT)(DT)(DT)(DT)(DA)(DG)(DT)(DT)(DG)(DG)(DG)(DT)(DA)(DA)(DC)(DG)(DC)(DC)
(DA)(DT)(DG)(DC)(DT)(DG)(DC)(DA)(DA)(DC)(DG)(DC)(DT)(DC)(DA)(DC)(DT)
;
BL
75 'polydeoxyribonucleotide'
;(DA)(DC)(DT)(DG)(DT)(DT)(DG)(DG)(DG)(DC)(DG)(DC)(DG)(DG)(DG)(DG)(DT)(DT)(DT)(DT)
(DT)(DC)(DT)(DT)(DC)(DA)(DG)(DG)(DA)(DA)(DA)(DA)
;
BM
76 'polydeoxyribonucleotide'
;(DG)(DA)(DA)(DG)(DG)(DG)(DC)(DG)(DC)(DC)(DA)(DT)(DT)(DC)(DA)(DG)(DT)(DG)(DG)(DT)
(DT)(DT)(DA)(DA)(DT)(DT)(DG)(DC)(DC)(DC)(DT)(DG)
;
BN
77 'polydeoxyribonucleotide'
;(DA)(DT)(DC)(DG)(DG)(DT)(DG)(DC)(DA)(DC)(DC)(DA)(DG)(DT)(DC)(DA)(DT)(DT)(DA)(DC)
(DA)(DG)(DG)(DT)(DC)(DT)(DG)(DG)(DA)(DG)(DC)(DA)(DC)(DT)(DA)(DG)(DC)(DA)(DT)(DG)
;
BO
78 'polydeoxyribonucleotide'
;(DA)(DC)(DG)(DC)(DC)(DA)(DG)(DC)(DC)(DT)(DG)(DG)(DT)(DG)(DC)(DC)(DA)(DC)(DC)(DT)
(DT)(DA)(DT)(DG)(DC)(DG)(DT)(DA)(DA)(DC)(DA)(DA)(DA)(DA)(DA)(DT)(DC)(DA)(DC)(DC)
(DA)(DC)(DC)(DC)(DT)(DG)(DA)(DC)
;
BP
79 'polydeoxyribonucleotide'
;(DT)(DG)(DG)(DC)(DG)(DA)(DA)(DA)(DA)(DA)(DT)(DT)(DC)(DG)(DC)(DG)(DA)(DG)(DG)(DA)
(DA)(DT)(DA)(DC)(DC)(DT)(DA)(DC)(DA)(DA)(DA)(DG)
;
BQ
80 'polydeoxyribonucleotide'
;(DT)(DC)(DT)(DA)(DA)(DA)(DG)(DT)(DA)(DA)(DC)(DG)(DC)(DC)(DT)(DG)(DT)(DA)(DG)(DC)
(DA)(DT)(DT)(DC)(DA)(DA)(DT)(DA)(DT)(DC)(DA)(DA)(DG)(DC)(DC)(DC)(DT)(DA)(DA)(DA)
;
BR
81 'polydeoxyribonucleotide'
;(DA)(DT)(DG)(DC)(DC)(DC)(DT)(DC)(DA)(DT)(DA)(DG)(DT)(DT)(DA)(DG)(DT)(DA)(DT)(DT)
(DT)(DT)(DG)(DT)(DC)(DA)(DT)(DA)(DG)(DT)(DA)(DA)(DT)(DC)(DG)(DT)(DA)(DA)(DA)(DA)
(DA)(DA)(DC)(DA)(DA)(DG)(DA)(DG)
;
BS
82 'polydeoxyribonucleotide'
;(DA)(DA)(DG)(DC)(DT)(DT)(DG)(DC)(DG)(DT)(DC)(DG)(DA)(DC)(DT)(DC)(DT)(DA)(DG)(DA)
(DG)(DG)(DA)(DT)(DA)(DA)(DA)(DA)(DA)(DT)(DC)(DT)(DG)(DA)(DA)(DC)(DC)(DA)(DC)(DC)
;
BT
83 'polydeoxyribonucleotide'
;(DT)(DT)(DT)(DT)(DT)(DT)(DT)(DC)(DC)(DC)(DA)(DG)(DT)(DC)(DA)(DC)(DG)(DA)(DC)(DG)
(DA)(DA)(DT)(DT)(DC)(DG)(DT)(DA)(DA)(DT)(DC)(DA)(DT)(DG)(DA)(DA)(DC)(DA)(DG)(DT)
(DG)(DC)
;
BU
84 'polydeoxyribonucleotide'
;(DA)(DC)(DA)(DG)(DT)(DT)(DT)(DC)(DG)(DA)(DA)(DT)(DT)(DG)(DC)(DG)(DT)(DG)(DA)(DG)
(DA)(DT)(DT)(DT)(DC)(DG)(DA)(DT)(DT)(DT)(DT)(DA)(DA)(DG)(DG)(DG)(DT)(DA)(DG)(DC)
(DC)(DT)(DA)(DG)(DC)(DT)(DG)(DA)
;
BV
85 'polydeoxyribonucleotide'
;(DA)(DA)(DC)(DT)(DT)(DT)(DT)(DT)(DT)(DT)(DT)(DT)(DA)(DC)(DT)(DT)(DT)(DG)(DT)(DC)
(DG)(DT)(DT)(DT)(DT)(DT)(DT)(DT)(DT)(DT)(DT)(DT)(DC)(DT)(DT)(DT)(DC)(DC)(DA)(DG)
(DA)(DC)(DC)(DT)(DT)(DT)(DT)(DT)
;
BW
86 'polydeoxyribonucleotide'
;(DC)(DC)(DA)(DG)(DT)(DA)(DC)(DA)(DA)(DA)(DC)(DT)(DG)(DA)(DT)(DA)(DA)(DC)(DC)(DT)
(DT)(DT)(DT)(DT)(DT)(DT)(DT)(DT)(DT)(DC)(DT)(DC)(DA)(DA)(DT)(DC)(DA)(DA)(DT)(DA)
;
BX
87 'polydeoxyribonucleotide'
;(DT)(DT)(DT)(DC)(DG)(DT)(DC)(DA)(DA)(DG)(DT)(DA)(DT)(DA)(DG)(DC)(DC)(DC)(DC)(DT)
(DT)(DC)(DT)(DG)(DA)(DC)(DA)(DT)(DT)(DC)(DT)(DG)(DA)(DT)(DT)(DT)(DA)(DC)(DA)(DT)
;
BY
88 'polydeoxyribonucleotide'
;(DA)(DC)(DC)(DC)(DT)(DC)(DA)(DT)(DG)(DA)(DG)(DG)(DT)(DG)(DA)(DG)(DC)(DA)(DC)(DG)
(DC)(DT)(DG)(DA)(DC)(DT)(DA)(DA)(DA)(DA)(DT)(DA)(DT)(DC)(DT)(DT)(DT)(DA)(DG)(DG)
;
BZ
89 'polydeoxyribonucleotide'
;(DC)(DA)(DC)(DC)(DC)(DT)(DC)(DA)(DG)(DA)(DG)(DC)(DC)(DA)(DC)(DC)(DC)(DC)(DA)(DC)
(DC)(DC)(DT)(DC)(DA)(DA)(DG)(DT)(DA)(DA)(DG)(DC)(DG)(DT)(DA)(DT)(DG)(DT)(DT)(DA)
;
Ba
90 'polydeoxyribonucleotide'
;(DC)(DA)(DC)(DA)(DA)(DC)(DA)(DT)(DA)(DA)(DA)(DC)(DG)(DA)(DT)(DT)(DA)(DT)(DT)(DA)
(DT)(DT)(DT)(DA)(DG)(DC)(DC)(DA)(DG)(DT)(DT)(DA)(DC)(DA)(DA)(DA)(DA)(DT)(DA)(DA)
;
Bb
91 'polydeoxyribonucleotide'
;(DA)(DC)(DC)(DG)(DA)(DG)(DC)(DT)(DC)(DG)(DT)(DT)(DG)(DT)(DA)(DA)(DA)(DA)(DC)(DG)
(DA)(DC)(DG)(DG)(DA)(DA)(DA)(DT)(DC)(DA)(DG)(DC)
;
Bc
92 'polydeoxyribonucleotide'
;(DC)(DG)(DC)(DT)(DT)(DT)(DT)(DT)(DT)(DT)(DT)(DT)(DT)(DT)(DC)(DA)(DC)(DA)(DA)(DT)
(DT)(DC)(DC)(DA)(DA)(DG)(DC)(DC)(DT)(DG)(DG)(DG)(DA)(DA)(DT)(DA)(DG)(DC)(DT)(DA)
;
Bd
93 'polydeoxyribonucleotide'
;(DA)(DG)(DC)(DT)(DG)(DC)(DA)(DT)(DA)(DC)(DC)(DC)(DA)(DA)(DA)(DA)(DG)(DA)(DG)(DG)
(DA)(DA)(DA)(DC)(DA)(DA)(DT)(DT)(DG)(DA)(DG)(DC)(DA)(DC)(DA)(DC)(DC)(DC)(DT)(DG)
;
Be
94 'polydeoxyribonucleotide'
;(DT)(DT)(DT)(DT)(DT)(DG)(DC)(DC)(DG)(DT)(DC)(DG)(DA)(DG)(DA)(DG)(DG)(DG)(DA)(DG)
(DG)(DA)(DG)(DC)(DC)(DT)(DT)(DT)(DT)(DT)(DT)(DT)(DT)(DT)(DT)(DT)(DT)(DT)(DA)(DA)
(DT)(DT)(DG)(DT)
;
Bf
95 'polydeoxyribonucleotide'
;(DG)(DG)(DT)(DG)(DT)(DA)(DT)(DC)(DC)(DG)(DT)(DT)(DG)(DA)(DA)(DA)(DT)(DG)(DG)(DG)
(DG)(DT)(DT)(DT)(DT)(DT)(DA)(DC)(DG)(DA)(DG)(DG)
;
Bg
96 'polydeoxyribonucleotide'
;(DC)(DA)(DG)(DG)(DA)(DG)(DG)(DT)(DA)(DG)(DG)(DA)(DA)(DA)(DC)(DC)(DG)(DA)(DA)(DC)
(DT)(DG)(DG)(DC)(DT)(DA)(DC)(DC)(DA)(DG)(DC)(DG)(DA)(DG)(DG)(DG)(DA)(DG)(DG)(DG)
;
Bh
97 'polydeoxyribonucleotide'
;(DG)(DT)(DG)(DT)(DT)(DT)(DT)(DT)(DT)(DT)(DT)(DT)(DT)(DC)(DC)(DT)(DA)(DA)(DT)(DG)
(DA)(DG)(DT)(DG)(DG)(DC)(DA)(DG)(DG)(DC)(DG)(DA)(DT)(DT)(DG)(DG)(DG)(DA)(DA)(DT)
;
Bi
98 'polydeoxyribonucleotide'
;(DG)(DG)(DA)(DC)(DT)(DC)(DC)(DA)(DA)(DC)(DC)(DA)(DG)(DT)(DT)(DT)(DT)(DT)(DT)(DT)
(DT)(DT)(DT)(DG)(DC)(DG)(DG)(DA)(DT)(DT)(DG)(DG)(DG)(DC)(DG)(DC)(DG)(DC)(DT)(DT)
(DT)(DC)(DG)(DA)(DT)(DT)(DT)(DT)(DT)
;
Bj
99 'polydeoxyribonucleotide'
;(DA)(DA)(DG)(DA)(DA)(DC)(DG)(DT)(DT)(DC)(DA)(DG)(DT)(DG)(DA)(DG)(DA)(DC)(DG)(DC)
(DT)(DC)(DA)(DT)(DG)(DG)(DA)(DA)(DA)
;
Bk
100 'polydeoxyribonucleotide'
;(DC)(DA)(DC)(DT)(DA)(DT)(DT)(DA)(DA)(DA)(DC)(DC)(DG)(DT)(DC)(DT)(DA)(DG)(DG)(DA)
(DG)(DC)(DG)(DG)(DG)(DC)(DG)(DC)(DT)(DA)(DG)(DG)(DG)(DC)(DG)(DC)(DT)(DT)(DT)(DT)
(DT)(DT)
;
Bl
101 'polydeoxyribonucleotide'
;(DT)(DT)(DC)(DA)(DC)(DC)(DA)(DG)(DC)(DA)(DA)(DG)(DA)(DG)(DT)(DC)(DA)(DC)(DC)(DG)
(DA)(DT)(DA)(DG)(DC)(DA)(DC)(DC)(DC)(DT)(DC)(DA)(DG)(DG)(DC)(DT)(DG)(DG)(DC)(DT)
;
Bm
102 'polydeoxyribonucleotide'
;(DC)(DT)(DT)(DC)(DA)(DC)(DC)(DG)(DG)(DA)(DG)(DA)(DT)(DA)(DG)(DG)(DT)(DC)(DG)(DC)
(DC)(DC)(DA)(DC)(DC)(DA)(DG)(DG)(DG)(DA)(DG)(DT)(DC)(DA)(DA)(DG)(DA)(DA)(DC)(DC)
;
Bn
103 'polydeoxyribonucleotide'
;(DT)(DT)(DG)(DC)(DA)(DG)(DC)(DA)(DG)(DA)(DA)(DG)(DA)(DA)(DC)(DT)(DG)(DT)(DA)(DA)
(DT)(DA)(DA)(DC)(DG)(DT)(DG)(DC)(DT)(DT)(DT)(DC)
;
Bo
104 'polydeoxyribonucleotide'
;(DA)(DC)(DG)(DC)(DT)(DG)(DG)(DT)(DT)(DT)(DG)(DC)(DC)(DC)(DC)(DA)(DA)(DG)(DC)(DT)
(DA)(DA)(DC)(DT)(DC)(DA)(DT)(DA)(DC)(DA)(DT)(DA)(DT)(DC)(DT)(DT)(DA)(DC)(DC)(DG)
;
Bp
105 'polydeoxyribonucleotide'
;(DA)(DA)(DA)(DT)(DT)(DT)(DT)(DT)(DT)(DT)(DT)(DT)(DT)(DT)(DC)(DC)(DT)(DG)(DT)(DT)
(DT)(DG)(DA)(DT)(DG)(DA)(DC)(DT)(DG)(DT)(DA)(DG)(DG)(DA)(DA)(DT)(DC)(DA)(DA)(DG)
(DT)(DT)(DT)(DG)(DC)(DC)(DT)(DT)
;
Bq
106 'polydeoxyribonucleotide'
;(DA)(DG)(DA)(DG)(DC)(DC)(DA)(DC)(DC)(DA)(DC)(DC)(DG)(DG)(DA)(DA)(DG)(DA)(DT)(DG)
(DG)(DC)(DC)(DC)(DG)(DG)(DG)(DA)(DT)(DC)(DG)(DT)(DT)(DT)(DG)(DC)(DG)(DC)(DC)(DG)
;
Br
107 'polydeoxyribonucleotide'
;(DT)(DT)(DT)(DT)(DT)(DT)(DC)(DA)(DG)(DT)(DA)(DC)(DG)(DT)(DC)(DA)(DA)(DA)(DT)(DC)
(DG)(DG)(DA)(DA)(DC)(DG)(DT)(DT)(DT)(DT)(DT)
;
Bs
108 'polydeoxyribonucleotide'
;(DA)(DA)(DC)(DC)(DA)(DT)(DC)(DA)(DA)(DA)(DC)(DG)(DT)(DG)(DG)(DC)(DG)(DA)(DG)(DA)
(DA)(DA)(DG)(DG)(DC)(DC)(DC)(DG)(DC)(DC)(DG)(DC)(DG)(DG)(DC)(DC)(DG)(DA)(DT)(DT)
(DT)(DA)(DC)(DA)(DT)(DC)(DG)(DG)
;
Bt
109 'polydeoxyribonucleotide'
;(DC)(DC)(DC)(DA)(DA)(DA)(DT)(DC)(DC)(DA)(DA)(DA)(DA)(DT)(DC)(DA)(DT)(DC)(DC)(DA)
(DT)(DT)(DA)(DA)(DA)(DC)(DC)(DA)(DA)(DC)(DC)(DT)(DA)(DC)(DG)(DA)(DG)(DG)(DC)(DG)
;
Bu
110 'polydeoxyribonucleotide'
;(DA)(DA)(DG)(DT)(DT)(DT)(DT)(DT)(DG)(DA)(DG)(DG)(DC)(DT)(DT)(DG)(DG)(DC)(DA)(DT)
(DA)(DA)(DC)(DC)(DC)(DA)(DA)(DA)(DT)(DC)(DA)(DA)(DT)(DC)(DT)(DG)(DG)(DC)(DC)(DT)
(DC)(DA)(DA)(DC)(DC)(DG)(DT)(DT)
;
Bv
111 'polydeoxyribonucleotide'
;(DT)(DG)(DG)(DG)(DG)(DT)(DC)(DG)(DA)(DT)(DC)(DA)(DA)(DA)(DA)(DG)(DT)(DT)(DT)(DG)
(DA)(DT)(DT)(DA)(DC)(DA)(DA)(DA)(DC)(DT)(DA)(DT)(DG)(DA)(DA)(DA)(DT)(DT)(DA)(DT)
;
Bw
112 'polydeoxyribonucleotide'
;(DA)(DG)(DG)(DT)(DG)(DC)(DC)(DG)(DC)(DC)(DC)(DG)(DA)(DT)(DT)(DT)(DA)(DG)(DA)(DG)
(DC)(DT)(DT)(DG)(DG)(DT)(DA)(DC)(DT)(DA)(DT)(DG)(DC)(DT)(DC)(DG)(DT)(DT)(DG)(DG)
;
Bx
113 'polydeoxyribonucleotide'
;(DT)(DA)(DA)(DA)(DG)(DC)(DA)(DC)(DC)(DC)(DC)(DC)(DT)(DT)(DA)(DT)(DT)(DA)(DG)(DC)
(DG)(DT)(DT)(DT)(DG)(DC)(DA)(DG)(DG)(DT)(DC)(DA)(DG)(DA)(DC)(DT)(DT)(DT)(DT)(DT)
;
By
114 'polydeoxyribonucleotide'
;(DT)(DA)(DA)(DA)(DT)(DC)(DG)(DG)(DT)(DA)(DG)(DC)(DG)(DT)(DC)(DA)(DG)(DG)(DT)(DG)
(DG)(DT)(DT)(DC)(DC)(DA)(DC)(DC)(DA)(DT)(DT)(DA)(DT)(DA)(DG)(DA)(DG)(DC)(DC)(DA)
;
Bz
115 'polydeoxyribonucleotide'
;(DC)(DG)(DC)(DT)(DT)(DT)(DT)(DT)(DT)(DT)(DT)(DT)(DT)(DG)(DT)(DT)(DT)(DT)(DC)(DA)
(DT)(DC)(DG)(DG)(DC)(DA)(DT)(DT)(DT)(DT)(DC)(DG)(DG)(DT)(DC)(DA)(DT)(DA)(DG)(DC)
;
B0
116 'polydeoxyribonucleotide'
;(DT)(DT)(DT)(DT)(DT)(DG)(DA)(DT)(DT)(DG)(DG)(DC)(DC)(DT)(DT)(DG)(DA)(DT)(DA)(DT)
(DT)(DC)(DA)(DC)(DT)(DG)(DT)(DA)(DC)(DT)(DG)(DG)(DT)(DA)(DA)(DT)(DA)(DT)(DT)(DT)
(DT)(DT)
;
B1
117 'polydeoxyribonucleotide'
;(DT)(DT)(DT)(DT)(DT)(DG)(DG)(DG)(DG)(DT)(DG)(DC)(DC)(DA)(DC)(DC)(DC)(DT)(DC)(DA)
(DG)(DC)(DG)(DA)(DT)(DT)(DT)(DT)(DT)(DT)(DT)
;
B2
118 'polydeoxyribonucleotide'
;(DG)(DT)(DA)(DT)(DA)(DA)(DA)(DC)(DA)(DG)(DT)(DT)(DA)(DA)(DT)(DG)(DC)(DC)(DC)(DC)
(DC)(DT)(DG)(DC)(DA)(DG)(DA)(DG)(DC)(DC)(DG)(DC)(DG)(DT)(DC)(DT)(DC)(DT)(DG)(DA)
;
B3
119 'polydeoxyribonucleotide'
;(DC)(DA)(DG)(DT)(DG)(DC)(DC)(DC)(DA)(DC)(DA)(DT)(DG)(DG)(DC)(DT)(DT)(DT)(DT)(DG)
(DA)(DT)(DG)(DA)(DT)(DA)(DC)(DA)(DG)(DG)(DA)(DG)(DA)(DA)(DA)(DC)(DG)(DA)(DA)(DT)
(DT)(DT)(DG)(DA)(DC)(DA)(DG)(DG)
;
B4
120 'polydeoxyribonucleotide'
;(DT)(DT)(DT)(DT)(DT)(DA)(DG)(DT)(DT)(DT)(DT)(DA)(DA)(DC)(DG)(DG)(DG)(DG)(DT)(DC)
(DA)(DG)(DT)(DG)(DC)(DC)(DT)(DT)(DG)(DA)(DG)(DT)(DA)(DA)(DC)(DG)(DC)(DC)(DA)(DG)
(DC)(DA)(DG)(DG)(DA)(DT)(DC)(DT)(DT)(DC)
;
B5
121 'polydeoxyribonucleotide'
;(DT)(DT)(DT)(DT)(DT)(DA)(DA)(DC)(DA)(DT)(DG)(DA)(DA)(DG)(DA)(DT)(DT)(DA)(DG)(DG)
(DA)(DT)(DT)(DA)(DG)(DC)(DT)(DT)(DT)(DT)(DT)
;
B6
122 'polydeoxyribonucleotide'
;(DA)(DG)(DT)(DA)(DT)(DT)(DA)(DA)(DG)(DA)(DA)(DC)(DC)(DT)(DA)(DT)(DT)(DA)(DT)(DT)
(DC)(DT)(DG)(DA)(DT)(DT)(DT)(DT)(DT)
;
B7
123 'polydeoxyribonucleotide'
;(DG)(DA)(DG)(DG)(DC)(DT)(DG)(DA)(DA)(DT)(DT)(DT)(DA)(DC)(DC)(DG)(DT)(DT)(DC)(DC)
(DA)(DG)(DT)(DA)(DA)(DA)(DA)(DG)(DC)(DG)(DC)(DA)(DC)(DA)(DC)(DC)(DA)(DG)(DA)(DA)
;
B8
124 'polydeoxyribonucleotide'
;(DA)(DA)(DG)(DG)(DG)(DA)(DA)(DG)(DG)(DT)(DC)(DT)(DG)(DT)(DC)(DC)(DG)(DT)(DT)(DT)
(DG)(DG)(DA)(DA)(DC)(DG)(DA)(DG)(DA)(DC)(DG)(DG)(DG)(DC)(DC)(DA)(DT)(DT)(DC)(DG)
;
B9
125 'polydeoxyribonucleotide'
;(DA)(DC)(DG)(DG)(DG)(DG)(DA)(DA)(DA)(DA)(DT)(DA)(DC)(DT)(DT)(DC)(DA)(DA)(DT)(DA)
(DG)(DC)(DC)(DC)(DC)(DC)(DT)(DG)(DG)(DC)(DC)(DC)(DC)(DA)(DC)(DC)(DG)(DC)(DT)(DT)
;
CA
126 'polydeoxyribonucleotide'
;(DT)(DT)(DT)(DT)(DT)(DG)(DG)(DC)(DA)(DA)(DG)(DT)(DG)(DT)(DA)(DG)(DC)(DG)(DA)(DC)
(DG)(DC)(DC)(DA)(DG)(DA)(DA)(DC)(DG)(DT)(DC)(DA)(DG)(DA)
;
CB
127 'polydeoxyribonucleotide'
;(DG)(DT)(DT)(DG)(DC)(DT)(DT)(DT)(DT)(DT)(DA)(DC)(DC)(DT)(DG)(DA)(DG)(DC)(DA)(DA)
(DA)(DA)(DG)(DA)(DG)(DA)(DA)(DT)(DT)(DA)(DT)(DT)(DT)(DC)(DA)(DT)(DT)(DC)(DC)(DA)
;
CC
128 'polydeoxyribonucleotide'
;(DG)(DA)(DC)(DG)(DA)(DG)(DC)(DA)(DG)(DC)(DA)(DG)(DC)(DA)(DC)(DC)(DA)(DA)(DC)(DC)
(DC)(DT)(DA)(DA)(DA)(DC)(DC)(DA)(DG)(DT)(DA)(DG)(DC)(DG)(DA)(DA)(DA)(DT)(DC)(DG)
;
CD
129 'polydeoxyribonucleotide'
;(DG)(DT)(DA)(DA)(DT)(DC)(DA)(DG)(DA)(DA)(DT)(DG)(DA)(DA)(DA)(DC)(DC)(DG)(DA)(DG)
(DA)(DA)(DC)(DA)(DA)(DG)(DC)(DA)(DA)(DT)(DT)(DT)(DT)(DT)
;
CE
130 'polydeoxyribonucleotide'
;(DA)(DT)(DC)(DT)(DT)(DG)(DA)(DG)(DA)(DA)(DG)(DT)(DT)(DT)(DT)(DT)(DT)(DT)(DT)(DT)
(DT)(DT)(DG)(DT)(DT)(DT)(DT)(DT)(DA)(DT)(DA)(DA)
;
CF
131 'polydeoxyribonucleotide'
;(DA)(DA)(DA)(DG)(DG)(DG)(DA)(DT)(DG)(DA)(DC)(DA)(DT)(DT)(DC)(DA)(DC)(DC)(DG)(DC)
(DC)(DA)(DG)(DC)(DA)(DA)(DC)(DG)(DG)(DA)(DA)(DT)(DT)(DA)(DA)(DT)(DG)(DA)(DA)(DT)
;
CG
132 'polydeoxyribonucleotide'
;(DG)(DC)(DC)(DA)(DC)(DC)(DG)(DA)(DG)(DG)(DA)(DA)(DC)(DG)(DG)(DT)(DG)(DT)(DC)(DA)
(DC)(DG)(DC)(DT)(DT)(DT)(DT)(DC)(DA)(DT)(DT)(DT)(DG)(DA)(DA)(DT)(DT)(DT)(DT)(DT)
;
CH
133 'polydeoxyribonucleotide'
;(DG)(DT)(DA)(DA)(DA)(DA)(DG)(DA)(DA)(DA)(DA)(DG)(DC)(DG)(DA)(DA)(DA)(DT)(DC)(DA)
(DG)(DG)(DG)(DC)(DC)(DC)(DG)(DC)(DC)(DT)(DC)(DC)(DT)(DT)(DG)(DA)(DG)(DG)(DA)(DC)
;
CI
134 'polydeoxyribonucleotide'
;(DA)(DT)(DC)(DA)(DC)(DG)(DC)(DA)(DC)(DA)(DA)(DT)(DA)(DT)(DT)(DA)(DA)(DC)(DC)(DG)
(DA)(DT)(DT)(DG)(DC)(DT)(DA)(DA)(DA)(DG)(DA)(DC)(DT)(DT)(DT)(DG)(DA)(DA)(DG)(DC)
;
CJ
135 'polydeoxyribonucleotide'
;(DA)(DA)(DT)(DT)(DA)(DA)(DC)(DC)(DA)(DA)(DA)(DC)(DA)(DG)(DG)(DA)(DG)(DC)(DT)(DT)
(DA)(DA)(DT)(DG)(DA)(DT)(DC)(DA)(DA)(DG)(DA)(DA)(DA)(DA)(DC)(DA)(DA)(DA)(DA)(DT)
;
CK
136 'polydeoxyribonucleotide'
;(DC)(DC)(DA)(DT)(DT)(DA)(DG)(DC)(DA)(DA)(DG)(DG)(DC)(DT)(DT)(DT)(DT)(DT)(DT)(DT)
(DT)(DT)(DT)(DC)(DG)(DG)(DA)(DA)(DA)(DC)(DG)(DT)(DC)(DA)(DC)(DC)(DT)(DA)(DG)(DC)
(DG)(DA)(DC)(DA)
;
CL
137 'polydeoxyribonucleotide'
;(DT)(DA)(DC)(DC)(DT)(DA)(DC)(DA)(DT)(DT)(DT)(DT)(DG)(DT)(DG)(DG)(DC)(DA)(DG)(DA)
(DT)(DT)(DC)(DA)(DC)(DC)(DA)(DG)(DT)(DC)(DA)(DC)(DT)(DT)(DT)(DT)(DT)
;
CM
138 'polydeoxyribonucleotide'
;(DA)(DC)(DG)(DC)(DT)(DC)(DA)(DA)(DC)(DG)(DT)(DT)(DT)(DT)(DA)(DG)(DT)(DG)(DA)(DA)
(DT)(DA)(DT)(DA)(DT)(DC)(DG)(DC)(DT)(DA)(DT)(DT)(DC)(DC)(DT)(DT)(DT)(DT)(DT)(DT)
;
CN
139 'polydeoxyribonucleotide'
;(DT)(DA)(DT)(DT)(DG)(DA)(DC)(DG)(DC)(DG)(DG)(DC)(DC)(DT)(DT)(DG)(DG)(DA)(DC)(DT)
(DC)(DC)(DT)(DT)(DT)(DC)(DC)(DA)(DG)(DT)(DC)(DG)(DG)(DC)(DC)(DA)(DC)(DC)(DC)(DT)
;
CO
140 'polydeoxyribonucleotide'
;(DA)(DT)(DC)(DA)(DC)(DC)(DG)(DT)(DG)(DC)(DA)(DA)(DA)(DA)(DT)(DC)(DA)(DG)(DA)(DA)
(DA)(DA)(DT)(DA)(DC)(DA)(DC)(DA)(DT)(DT)(DA)(DA)(DG)(DA)(DA)(DG)(DC)(DA)(DT)(DA)
(DA)(DA)(DG)(DT)(DG)(DT)(DA)(DA)
;
CP
141 'polydeoxyribonucleotide'
;(DC)(DA)(DC)(DC)(DG)(DA)(DC)(DT)(DA)(DA)(DA)(DG)(DA)(DC)(DA)(DC)(DA)(DC)(DC)(DA)
(DA)(DC)(DG)(DC)(DT)(DA)(DA)(DC)(DG)(DT)(DT)(DT)(DT)(DT)
;
CQ
142 'polydeoxyribonucleotide'
;(DG)(DA)(DA)(DA)(DA)(DT)(DT)(DC)(DT)(DA)(DA)(DC)(DC)(DC)(DA)(DC)(DG)(DA)(DA)(DC)
(DA)(DA)(DA)(DG)(DA)(DT)(DA)(DA)(DA)(DA)(DC)(DA)(DT)(DT)(DT)(DC)(DA)(DG)(DG)(DG)
;
CR
143 'polydeoxyribonucleotide'
;(DA)(DA)(DT)(DC)(DA)(DA)(DT)(DA)(DT)(DT)(DG)(DC)(DA)(DC)(DC)(DC)(DG)(DA)(DT)(DT)
(DA)(DT)(DA)(DC)(DT)(DT)(DC)(DT)(DG)(DA)(DA)(DT)(DA)(DC)(DC)(DA)(DC)(DC)(DA)(DG)
;
CS
144 'polydeoxyribonucleotide'
;(DT)(DT)(DT)(DG)(DT)(DC)(DA)(DC)(DT)(DC)(DA)(DT)(DT)(DA)(DA)(DA)(DT)(DA)(DC)(DC)
(DG)(DC)(DG)(DC)(DT)(DA)(DT)(DT)(DA)(DA)(DA)(DC)(DT)(DT)(DT)(DC)(DC)(DT)(DT)(DA)
(DC)(DA)(DT)(DT)(DT)(DC)(DA)(DA)
;
CT
145 'polydeoxyribonucleotide'
;(DA)(DA)(DG)(DT)(DT)(DT)(DA)(DT)(DG)(DC)(DA)(DA)(DA)(DC)(DG)(DT)(DC)(DC)(DT)(DG)
(DA)(DG)(DT)(DA)(DA)(DG)(DC)(DG)(DG)(DT)(DC)(DC)(DG)(DC)(DA)(DA)(DA)(DA)(DT)(DC)
(DC)(DC)(DT)(DT)(DA)(DT)(DA)(DA)
;
CU
146 'polydeoxyribonucleotide'
;(DT)(DT)(DT)(DT)(DT)(DA)(DC)(DG)(DA)(DC)(DC)(DA)(DG)(DT)(DA)(DA)(DT)(DT)(DT)(DG)
(DC)(DG)(DT)(DA)(DT)(DA)(DA)(DG)(DT)(DT)(DT)(DT)(DT)(DT)
;
CV
147 'polydeoxyribonucleotide'
;(DT)(DA)(DA)(DA)(DA)(DG)(DG)(DG)(DA)(DC)(DC)(DT)(DG)(DA)(DA)(DA)(DG)(DC)(DG)(DT)
(DA)(DT)(DT)(DT)(DT)(DT)
;
CW
148 'polydeoxyribonucleotide'
;(DA)(DA)(DG)(DG)(DT)(DG)(DG)(DC)(DA)(DA)(DC)(DA)(DT)(DT)(DT)(DT)(DT)(DT)(DT)(DT)
(DT)(DT)(DT)(DA)(DT)(DA)(DA)(DA)(DA)(DG)(DA)(DA)(DA)(DC)(DG)(DC)(DT)(DG)(DA)(DG)
(DC)(DC)(DA)(DT)
;
CX
149 'polydeoxyribonucleotide'
;(DA)(DG)(DA)(DT)(DA)(DG)(DC)(DC)(DA)(DA)(DG)(DA)(DA)(DT)(DT)(DG)(DA)(DG)(DG)(DG)
(DA)(DA)(DG)(DC)(DA)(DA)(DG)(DG)(DA)(DG)(DC)(DG)
;
CY
150 'polydeoxyribonucleotide'
;(DT)(DT)(DT)(DT)(DT)(DA)(DG)(DA)(DA)(DT)(DA)(DC)(DG)(DT)(DG)(DG)(DC)(DA)(DA)(DA)
(DT)(DG)(DC)(DG)(DC)(DG)
;
CZ
151 'polydeoxyribonucleotide'
;(DC)(DA)(DG)(DA)(DG)(DG)(DG)(DT)(DG)(DC)(DA)(DA)(DT)(DA)(DA)(DT)(DA)(DT)(DT)(DA)
(DA)(DA)(DA)(DA)(DG)(DT)(DA)(DC)(DC)(DG)(DT)(DA)(DA)(DC)(DC)(DT)(DG)(DC)(DA)(DG)
;
Ca
152 'polydeoxyribonucleotide'
;(DG)(DA)(DA)(DA)(DC)(DA)(DA)(DT)(DA)(DG)(DC)(DA)(DG)(DC)(DC)(DT)(DT)(DC)(DA)(DG)
(DA)(DT)(DG)(DA)(DC)(DT)(DT)(DT)(DC)(DT)(DT)(DT)(DT)(DT)
;
Cb
153 'polydeoxyribonucleotide'
;(DT)(DA)(DG)(DT)(DC)(DT)(DT)(DT)(DC)(DA)(DG)(DA)(DC)(DA)(DA)(DT)(DC)(DG)(DT)(DA)
(DA)(DA)(DA)(DC)(DA)(DG)(DA)(DA)(DA)(DT)(DT)(DT)(DT)(DT)
;
Cc
154 'polydeoxyribonucleotide'
;(DA)(DT)(DG)(DG)(DC)(DT)(DA)(DT)(DA)(DC)(DA)(DT)(DC)(DG)(DC)(DC)(DA)(DG)(DA)(DT)
(DA)(DG)(DA)(DA)(DC)(DC)(DG)(DG)(DA)(DA)(DT)(DA)(DC)(DG)(DG)(DC)(DC)(DA)(DA)(DC)
;
Cd
155 'polydeoxyribonucleotide'
;(DT)(DT)(DA)(DA)(DC)(DT)(DG)(DA)(DG)(DC)(DT)(DA)(DA)(DT)(DA)(DT)(DG)(DA)(DA)(DT)
(DT)(DG)(DA)(DA)(DC)(DT)(DT)(DA)(DA)(DA)(DT)(DC)(DA)(DA)(DG)(DA)(DT)(DT)(DA)(DG)
;
Ce
156 'polydeoxyribonucleotide'
;(DC)(DG)(DG)(DG)(DA)(DG)(DA)(DA)(DA)(DG)(DC)(DA)(DG)(DA)(DA)(DG)(DT)(DT)(DA)(DC)
(DC)(DA)(DG)(DA)(DT)(DT)(DA)(DG)(DT)(DA)(DC)(DC)(DG)(DG)(DA)(DA)(DA)(DC)(DC)(DT)
;
Cf
157 'polydeoxyribonucleotide'
;(DG)(DC)(DA)(DT)(DT)(DA)(DG)(DA)(DA)(DA)(DG)(DG)(DT)(DT)(DA)(DT)(DG)(DA)(DG)(DC)
(DC)(DA)(DG)(DC)(DA)(DG)(DC)(DA)(DA)(DA)(DT)(DG)(DC)(DC)(DC)(DC)(DG)(DG)(DG)(DT)
(DA)(DT)(DA)(DG)(DC)(DA)(DA)(DG)
;
Cg
158 'polydeoxyribonucleotide'
;(DG)(DC)(DG)(DG)(DT)(DC)(DA)(DG)(DA)(DT)(DA)(DA)(DA)(DA)(DA)(DC)(DA)(DG)(DT)(DT)
(DA)(DA)(DG)(DC)(DA)(DT)(DT)(DG)(DT)(DT)(DT)(DG)(DA)(DG)(DC)(DT)(DA)(DC)(DA)(DA)
(DT)(DT)(DT)(DT)(DA)(DT)(DC)(DC)
;
Ch
159 'polydeoxyribonucleotide'
;(DT)(DA)(DT)(DT)(DA)(DA)(DC)(DA)(DT)(DT)(DT)(DA)(DA)(DG)(DA)(DA)(DA)(DG)(DA)(DA)
(DC)(DC)(DG)(DC)(DT)(DT)(DG)(DC)(DG)(DT)(DT)(DG)(DG)(DG)(DC)(DG)(DA)(DT)(DT)(DA)
(DT)(DT)(DT)(DT)(DT)(DT)
;
Ci
160 'polydeoxyribonucleotide'
;(DC)(DA)(DA)(DA)(DT)(DA)(DA)(DG)(DA)(DC)(DG)(DA)(DG)(DC)(DC)(DG)(DT)(DG)(DT)(DT)
(DT)(DC)(DC)(DT)(DG)(DT)(DG)(DT)(DG)(DA)(DA)(DA)(DT)(DT)(DG)(DT)(DT)(DA)(DT)(DC)
(DA)(DC)(DA)(DG)(DC)(DC)(DA)(DT)
;
Cj
161 'polydeoxyribonucleotide'
;(DT)(DT)(DT)(DT)(DG)(DT)(DT)(DT)(DA)(DA)(DC)(DG)(DT)(DT)(DT)(DT)(DT)(DT)(DT)(DT)
(DT)(DT)(DT)(DC)(DA)(DA)(DA)(DA)(DA)(DT)(DG)(DA)(DA)(DA)(DA)(DT)(DG)(DA)(DA)(DA)
(DT)(DA)(DG)(DC)
;
Ck
162 'polydeoxyribonucleotide'
;(DA)(DC)(DC)(DT)(DT)(DG)(DC)(DT)(DG)(DA)(DA)(DC)(DC)(DT)(DC)(DA)(DC)(DA)(DC)(DA)
(DG)(DA)(DC)(DA)(DA)(DC)(DA)(DC)(DT)(DG)(DA)(DG)(DT)(DT)(DT)(DC)(DT)(DG)(DT)(DA)
;
Cl
163 'polydeoxyribonucleotide'
;(DA)(DA)(DA)(DG)(DC)(DA)(DT)(DC)(DA)(DT)(DC)(DA)(DA)(DC)(DA)(DG)(DT)(DA)(DG)(DA)
(DA)(DA)(DG)(DG)(DG)(DA)(DC)(DT)(DT)(DT)(DA)(DC)(DT)(DT)(DT)(DG)(DC)(DG)(DG)(DA)
(DA)(DC)(DA)(DA)(DA)(DG)(DA)(DA)
;
Cm
164 'polydeoxyribonucleotide'
;(DC)(DA)(DA)(DC)(DT)(DA)(DA)(DT)(DT)(DC)(DC)(DC)(DA)(DA)(DT)(DC)(DC)(DC)(DG)(DC)
(DC)(DT)(DG)(DC)(DG)(DT)(DC)(DA)(DT)(DA)(DG)(DC)
;
Cn
165 'polydeoxyribonucleotide'
;(DA)(DT)(DC)(DC)(DT)(DT)(DT)(DG)(DC)(DC)(DC)(DG)(DA)(DT)(DT)(DT)(DT)(DT)(DT)(DT)
(DT)(DT)(DT)(DA)(DC)(DG)(DT)(DT)(DA)(DT)(DT)(DA)(DA)(DT)(DT)(DT)(DT)(DA)(DA)(DA)
(DA)(DG)(DT)(DT)
;
Co
166 'polydeoxyribonucleotide'
;(DA)(DC)(DA)(DT)(DT)(DT)(DG)(DA)(DG)(DG)(DA)(DT)(DT)(DT)(DA)(DG)(DA)(DA)(DG)(DT)
(DA)(DT)(DT)(DA)(DA)(DA)(DT)(DT)(DG)(DA)(DG)(DG)
;
Cp
167 'polydeoxyribonucleotide'
;(DT)(DA)(DG)(DA)(DT)(DA)(DA)(DT)(DG)(DA)(DA)(DT)(DT)(DA)(DT)(DC)(DA)(DT)(DC)(DA)
(DT)(DA)(DT)(DT)(DT)(DA)(DA)(DT)(DC)(DC)(DT)(DG)(DC)(DC)(DA)(DA)(DT)(DA)(DA)(DT)
;
Cq
168 'polydeoxyribonucleotide'
;(DT)(DT)(DT)(DT)(DT)(DC)(DA)(DG)(DA)(DG)(DC)(DC)(DT)(DA)(DA)(DT)(DT)(DT)(DA)(DG)
(DA)(DT)(DT)(DA)(DG)(DA)(DG)(DC)(DC)(DG)(DT)(DC)(DA)(DA)(DT)(DG)(DC)(DA)(DC)(DT)
(DA)(DA)(DA)(DG)(DA)(DA)(DT)(DA)(DA)(DC)
;
Cr
169 'polydeoxyribonucleotide'
;(DA)(DT)(DT)(DA)(DT)(DC)(DA)(DT)(DA)(DA)(DA)(DC)(DA)(DA)(DT)(DT)(DC)(DG)(DA)(DC)
(DA)(DA)(DC)(DT)(DC)(DG)(DT)(DA)(DT)(DT)(DA)(DA)(DT)(DC)(DT)(DG)(DG)(DT)(DC)(DA)
;
Cs
170 'polydeoxyribonucleotide'
;(DT)(DA)(DT)(DT)(DA)(DG)(DC)(DA)(DA)(DT)(DT)(DT)(DT)(DT)(DG)(DA)(DA)(DA)(DT)(DG)
(DG)(DA)(DT)(DT)(DG)(DC)(DC)(DA)(DA)(DC)(DA)(DG)(DC)(DA)(DT)(DT)(DG)(DC)(DA)(DA)
;
Ct
171 'polydeoxyribonucleotide'
;(DC)(DC)(DA)(DA)(DC)(DC)(DA)(DT)(DA)(DT)(DC)(DA)(DA)(DA)(DA)(DT)(DT)(DG)(DA)(DG)
(DT)(DA)(DA)(DC)(DA)(DA)(DC)(DA)(DA)(DA)(DG)(DT)(DG)(DT)(DT)(DG)(DG)(DC)(DA)(DA)
;
Cu
172 'polydeoxyribonucleotide'
;(DT)(DA)(DT)(DG)(DG)(DA)(DA)(DG)(DC)(DA)(DG)(DA)(DG)(DA)(DG)(DA)(DA)(DT)(DA)(DT)
(DG)(DG)(DT)(DT)(DA)(DT)(DG)(DA)(DT)(DT)(DA)(DA)(DC)(DT)(DG)(DG)(DT)(DA)(DA)(DT)
;
Cv
173 'polydeoxyribonucleotide'
;(DT)(DT)(DT)(DT)(DT)(DA)(DG)(DC)(DG)(DT)(DT)(DG)(DG)(DC)(DA)(DA)(DT)(DT)(DC)(DA)
(DT)(DC)(DA)(DA)(DT)(DA)(DC)(DC)(DT)(DG)(DA)(DT)(DT)(DA)(DT)(DT)(DA)(DC)(DA)(DG)
(DA)(DG)
;
Cw
174 'polydeoxyribonucleotide'
;(DT)(DT)(DT)(DT)(DT)(DT)(DA)(DA)(DA)(DG)(DC)(DG)(DA)(DA)(DC)(DC)(DT)(DC)(DC)(DC)
(DG)(DA)(DC)(DT)(DT)(DG)(DA)(DC)(DG)(DC)(DG)(DA)(DG)(DG)(DT)(DC)(DG)(DT)(DC)(DT)
(DG)(DA)(DT)(DT)(DT)(DA)(DG)(DA)(DC)(DA)
;
Cx
175 'polydeoxyribonucleotide'
;(DA)(DA)(DA)(DT)(DT)(DG)(DC)(DG)(DT)(DA)(DG)(DA)(DA)(DT)(DC)(DC)(DT)(DT)(DG)(DA)
(DA)(DA)(DA)(DC)(DA)(DA)(DC)(DT)(DT)(DT)(DT)(DT)(DC)(DA)(DA)(DA)(DT)(DT)(DT)(DT)
(DT)(DT)
;
Cy
176 'polydeoxyribonucleotide'
;(DA)(DT)(DC)(DC)(DG)(DG)(DT)(DA)(DT)(DT)(DA)(DA)(DG)(DA)(DC)(DG)(DC)(DT)(DG)(DA)
(DG)(DA)(DA)(DG)(DC)(DA)(DA)(DA)(DT)(DC)(DC)(DA)(DG)(DC)(DC)(DT)(DG)(DT)(DT)(DT)
;
Cz
177 'polydeoxyribonucleotide'
;(DG)(DA)(DA)(DG)(DG)(DC)(DT)(DT)(DG)(DA)(DG)(DA)(DA)(DA)(DC)(DA)(DA)(DG)(DT)(DT)
(DG)(DA)(DG)(DT)(DA)(DT)(DA)(DT)(DG)(DT)(DA)(DC)(DT)(DC)(DA)(DT)(DA)(DT)(DG)(DC)
(DG)(DT)(DT)(DA)(DT)(DA)(DC)(DA)
;
C0
178 'polydeoxyribonucleotide'
;(DC)(DA)(DG)(DA)(DT)(DA)(DT)(DA)(DA)(DA)(DG)(DG)(DT)(DA)(DA)(DA)(DC)(DG)(DG)(DG)
(DA)(DG)(DC)(DT)(DG)(DT)(DT)(DG)(DT)(DA)(DG)(DC)(DA)(DG)(DC)(DC)(DG)(DG)(DC)(DG)
;
C1
179 'polydeoxyribonucleotide'
;(DG)(DG)(DA)(DA)(DT)(DC)(DA)(DT)(DG)(DG)(DT)(DG)(DA)(DA)(DT)(DT)(DC)(DG)(DT)(DA)
(DT)(DA)(DA)(DC)(DA)(DT)(DC)(DA)(DC)(DT)(DT)(DG)(DA)(DG)(DG)(DG)(DA)(DG)(DC)(DC)
;
C2
180 'polydeoxyribonucleotide'
;(DT)(DT)(DT)(DT)(DT)(DG)(DC)(DC)(DG)(DT)(DT)(DT)(DT)(DT)(DA)(DT)(DT)(DT)(DA)(DG)
(DC)(DA)(DT)(DG)(DT)(DA)(DT)(DT)(DT)(DT)(DT)
;
C3
181 'polydeoxyribonucleotide'
;(DA)(DG)(DA)(DA)(DC)(DG)(DG)(DG)(DC)(DC)(DA)(DA)(DT)(DA)(DG)(DC)(DA)(DT)(DC)(DA)
(DA)(DA)(DA)(DT)(DC)(DA)(DT)(DA)(DG)(DG)(DT)(DC)(DT)(DT)(DG)(DG)(DG)(DT)(DT)(DA)
;
C4
182 'polydeoxyribonucleotide'
;(DT)(DT)(DG)(DC)(DT)(DT)(DC)(DT)(DA)(DG)(DC)(DT)(DT)(DA)(DG)(DA)(DT)(DT)(DC)(DT)
(DA)(DA)(DG)(DA)(DC)(DG)(DG)(DG)(DA)(DG)(DG)(DT)(DA)(DA)(DA)(DA)(DG)(DG)(DG)(DC)
;
C5
183 'polydeoxyribonucleotide'
;(DT)(DT)(DT)(DT)(DT)(DG)(DA)(DA)(DA)(DC)(DC)(DA)(DA)(DT)(DT)(DT)(DT)(DT)(DT)(DT)
(DT)(DT)(DT)(DT)(DT)(DT)(DA)(DC)(DG)(DT)(DA)(DA)(DC)(DC)(DT)(DC)(DC)(DG)(DG)(DC)
(DT)(DT)(DA)(DG)(DG)
;
C6
184 'polydeoxyribonucleotide'
;(DT)(DT)(DT)(DT)(DT)(DC)(DC)(DT)(DT)(DA)(DG)(DA)(DT)(DT)(DT)(DT)(DT)(DT)(DT)(DT)
(DT)(DT)(DT)(DT)(DT)(DT)(DC)(DA)(DG)(DG)(DT)(DT)(DT)(DA)
;
C7
185 'polydeoxyribonucleotide'
;(DA)(DT)(DA)(DG)(DC)(DG)(DA)(DT)(DG)(DT)(DA)(DA)(DA)(DT)(DC)(DG)(DC)(DA)(DG)(DT)
(DA)(DA)(DC)(DA)(DT)(DT)(DT)(DA)(DA)(DC)(DA)(DA)(DG)(DC)(DG)(DC)(DG)(DT)(DA)(DA)
(DC)(DC)(DA)(DC)(DC)(DA)(DC)(DA)
;
C8
186 'polydeoxyribonucleotide'
;(DA)(DG)(DT)(DC)(DA)(DA)(DT)(DA)(DG)(DA)(DA)(DT)(DA)(DC)(DC)(DA)(DA)(DT)(DA)(DA)
(DC)(DG)(DG)(DA)(DA)(DA)(DA)(DC)(DA)(DA)(DA)(DC)(DC)(DG)(DC)(DC)(DG)(DC)(DT)(DA)
(DC)(DA)(DG)(DG)(DG)(DC)(DG)(DC)
;
C9
187 'polydeoxyribonucleotide'
;(DT)(DG)(DA)(DG)(DA)(DG)(DA)(DC)(DC)(DG)(DG)(DC)(DT)(DG)(DT)(DC)(DC)(DA)(DA)(DG)
(DT)(DA)(DC)(DC)(DG)(DC)(DA)(DC)(DT)(DC)(DA)(DT)(DC)(DA)(DT)(DC)(DG)(DA)(DT)(DA)
;
DA
188 'polydeoxyribonucleotide'
;(DT)(DA)(DC)(DC)(DT)(DT)(DT)(DT)(DT)(DC)(DA)(DT)(DC)(DG)(DT)(DA)(DT)(DG)(DA)(DA)
(DT)(DC)(DT)(DT)(DC)(DA)(DC)(DG)(DG)(DA)(DA)(DT)(DA)(DA)(DG)(DA)(DG)(DC)(DA)(DA)
(DA)(DA)(DG)(DC)(DC)(DC)(DT)(DT)
;
DB
189 'polydeoxyribonucleotide'
;(DT)(DT)(DT)(DT)(DT)(DA)(DT)(DA)(DT)(DT)(DT)(DT)(DA)(DG)(DT)(DT)(DA)(DA)(DG)(DT)
(DA)(DG)(DG)(DG)(DC)(DT)(DT)(DT)(DT)(DT)(DT)
;
DC
190 'polydeoxyribonucleotide'
;(DT)(DA)(DG)(DA)(DT)(DA)(DA)(DG)(DA)(DT)(DT)(DG)(DC)(DT)(DT)(DT)(DG)(DT)(DG)(DA)
(DA)(DT)(DT)(DT)(DA)(DA)(DG)(DC)(DA)(DA)(DA)(DT)(DT)(DT)(DG)(DC)(DT)(DA)(DT)(DT)
;
DD
191 'polydeoxyribonucleotide'
;(DT)(DC)(DC)(DT)(DG)(DA)(DA)(DC)(DT)(DA)(DT)(DA)(DA)(DC)(DT)(DA)(DT)(DC)(DG)(DA)
(DG)(DC)(DC)(DA)(DG)(DT)(DA)(DA)(DT)(DA)(DA)(DG)(DA)(DG)(DA)(DA)(DT)(DA)(DT)(DA)
(DA)(DA)(DG)(DT)(DA)(DT)(DT)(DT)(DT)(DT)
;
DE
192 'polydeoxyribonucleotide'
;(DA)(DA)(DG)(DA)(DA)(DA)(DA)(DA)(DA)(DA)(DG)(DT)(DA)(DA)(DT)(DT)(DA)(DA)(DC)(DA)
(DC)(DC)(DG)(DG)(DT)(DT)(DT)(DT)(DT)(DT)(DT)(DT)(DT)(DT)(DA)(DA)(DT)(DC)(DA)(DT)
(DA)(DA)(DT)(DT)(DA)(DC)(DT)(DA)(DG)(DA)
;
DF
193 'polydeoxyribonucleotide'
;(DA)(DC)(DA)(DT)(DG)(DT)(DT)(DC)(DC)(DC)(DG)(DT)(DG)(DT)(DG)(DA)(DT)(DA)(DA)(DA)
(DT)(DA)(DA)(DG)(DG)(DC)(DG)(DT)(DT)(DA)(DA)(DA)(DA)(DA)(DA)(DA)(DG)(DC)(DC)(DT)
;
DG
194 'polydeoxyribonucleotide'
;(DT)(DT)(DT)(DT)(DT)(DC)(DC)(DG)(DA)(DC)(DA)(DA)(DA)(DA)(DG)(DG)(DT)(DA)(DT)(DA)
(DA)(DT)(DA)(DT)(DC)(DC)(DC)(DA)(DT)(DC)(DC)(DT)(DA)(DA)(DT)(DC)(DA)(DA)(DT)(DA)
(DA)(DT)
;
DH
195 'polydeoxyribonucleotide'
;(DT)(DT)(DT)(DT)(DT)(DT)(DA)(DA)(DT)(DT)(DG)(DA)(DG)(DA)(DA)(DT)(DC)(DG)(DC)(DC)
(DA)(DG)(DC)(DT)(DC)(DA)(DA)(DC)(DA)(DT)(DT)(DT)(DC)(DA)(DT)(DC)(DT)
;
DI
196 'polydeoxyribonucleotide'
;(DA)(DA)(DC)(DG)(DC)(DC)(DA)(DA)(DC)(DA)(DT)(DG)(DT)(DA)(DA)(DT)(DT)(DT)(DA)(DG)
(DG)(DC)(DA)(DG)(DA)(DA)(DT)(DA)(DA)(DA)(DC)(DA)(DA)(DT)(DC)(DA)(DA)(DC)(DA)(DA)
(DG)(DT)(DT)(DT)(DA)(DG)(DT)(DA)
;
DJ
197 'polydeoxyribonucleotide'
;(DC)(DC)(DA)(DG)(DT)(DA)(DT)(DA)(DA)(DA)(DT)(DG)(DG)(DA)(DA)(DA)(DC)(DA)(DG)(DT)
(DA)(DC)(DA)(DT)(DT)(DA)(DA)(DT)(DT)(DA)(DC)(DA)(DG)(DT)(DA)(DC)(DC)(DT)(DT)(DT)
;
DK
198 'polydeoxyribonucleotide'
;(DA)(DA)(DG)(DC)(DC)(DA)(DA)(DC)(DT)(DG)(DG)(DT)(DT)(DT)(DG)(DA)(DA)(DA)(DT)(DT)
(DC)(DT)(DT)(DA)(DT)(DC)(DT)(DG)(DA)(DC)(DC)(DT)
;
DL
199 'polydeoxyribonucleotide'
;(DA)(DA)(DT)(DA)(DC)(DC)(DG)(DA)(DA)(DG)(DC)(DT)(DA)(DA)(DT)(DG)(DA)(DA)(DA)(DT)
(DT)(DT)(DA)(DA)(DT)(DA)(DT)(DT)(DT)(DA)(DA)(DC)(DA)(DC)(DA)(DA)(DA)(DG)(DA)(DA)
(DC)(DG)(DC)(DG)(DA)(DG)(DA)(DA)
;
DM
200 'polydeoxyribonucleotide'
;(DT)(DA)(DA)(DG)(DA)(DA)(DT)(DA)(DC)(DT)(DG)(DT)(DC)(DC)(DA)(DG)(DA)(DC)(DG)(DA)
(DC)(DG)(DA)(DC)(DA)(DG)(DG)(DC)(DA)(DT)(DT)(DT)(DT)(DA)(DT)(DG)(DT)(DA)(DA)(DA)
(DT)(DG)(DC)(DT)(DG)(DA)(DT)(DG)
;
DN
201 'polydeoxyribonucleotide'
;(DT)(DT)(DT)(DT)(DT)(DT)(DT)(DA)(DA)(DA)(DT)(DT)(DA)(DA)(DT)(DT)(DT)(DT)(DC)(DT)
(DT)(DT)(DT)(DT)
;
DO
202 'polydeoxyribonucleotide'
;(DA)(DA)(DA)(DT)(DC)(DA)(DA)(DT)(DG)(DA)(DA)(DT)(DA)(DA)(DC)(DC)(DC)(DA)(DG)(DA)
(DA)(DC)(DG)(DC)(DA)(DT)(DC)(DG)(DC)(DA)(DA)(DG)
;
DP
203 'polydeoxyribonucleotide'
;(DA)(DA)(DA)(DA)(DT)(DC)(DG)(DC)(DG)(DC)(DA)(DG)(DA)(DG)(DG)(DC)(DA)(DG)(DA)(DT)
(DG)(DA)(DT)(DG)(DT)(DT)(DC)(DG)(DC)(DC)(DT)(DG)(DA)(DA)(DT)(DC)(DA)(DG)(DA)(DG)
;
DQ
#